data_8SGB
#
_entry.id   8SGB
#
_cell.length_a   136.785
_cell.length_b   136.785
_cell.length_c   69.797
_cell.angle_alpha   90.000
_cell.angle_beta   90.000
_cell.angle_gamma   90.000
#
_symmetry.space_group_name_H-M   'P 41'
#
loop_
_entity.id
_entity.type
_entity.pdbx_description
1 polymer 'Antigen-presenting glycoprotein CD1d'
2 polymer Beta-2-microglobulin
3 polymer 'Natural Killer T cell receptor TRAV26A-2 alpha chain'
4 polymer 'Natural Killer T cell receptor TRBV19 beta chain'
5 branched beta-D-mannopyranose-(1-4)-2-acetamido-2-deoxy-beta-D-glucopyranose-(1-4)-2-acetamido-2-deoxy-beta-D-glucopyranose
6 non-polymer 2-acetamido-2-deoxy-beta-D-glucopyranose
7 non-polymer sphingomyelin
8 non-polymer 'SODIUM ION'
9 water water
#
loop_
_entity_poly.entity_id
_entity_poly.type
_entity_poly.pdbx_seq_one_letter_code
_entity_poly.pdbx_strand_id
1 'polypeptide(L)'
;MQRLFPLRCLQISSFANSSWTRTDGLAWLGELQTHSWSNDSDTVRSLKPWSQGTFSDQQWETLQHIFRVYRSSFTRDVKE
FAKMLRLSYPLELQVSAGCEVHPGNASNNFFHVAFQGKDILSFQGTSWEPTQEAPLWVNLAIQVLNQDKWTRETVQWLLN
GTCPQFVSGLLESGKSELKKQVKPKAWLSRGPSPGPGRLLLVCHVSGFYPKPVWVKWMRGEQEQQGTQPGDILPNADETW
YLRATLDVVAGEAAGLSCRVKHSSLEGQDIVLYWGSLVPRGSGSRIARLEEKVKTLKAQNSELASTANMLREQVAQLKQK
VMNHGSGLNDIFEAQKIEWHEHHHHHH
;
A
2 'polypeptide(L)'
;MIQRTPKIQVYSRHPAENGKSNFLNCYVSGFHPSDIEVDLLKNGERIEKVEHSDLSFSKDWSFYLLYYTEFTPTEKDEYA
CRVNHVTLSQPKIVKWDRDM
;
B
3 'polypeptide(L)'
;MDAKTTQPNSMESNEEEPVHLPCNHSTISGTDYIHWYRQLPSQGPEYVIHGLTSNVNNRMASLAIAEDRKSSTLILHRAT
LRDAAVYYCILRDGWGGTYKYIFGTGTRLKVLANIQNPDPAVYQLRDSKSSDKSVCLFTDFDSQTNVSQSKDSDVYITDK
CVLDMRSMDFKSNSAVAWSNKSDFACANAFNNSIIPEDTFFPSPESS
;
C
4 'polypeptide(L)'
;MDGGITQSPKYLFRKEGQNVTLSCEQNLNHDAMYWYRQDPGQGLRLIYYSQIVNDFQKGDIAEGYSVSREKKESFPLTVT
SAQKNPTAFYLCATSVGRPYEQYFGPGTRLTVTEDLKNVFPPEVAVFEPSEAEISHTQKATLVCLATGFYPDHVELSWWV
NGKEVHSGVCTDPQPLKEQPALNDSRYALSSRLRVSATFWQNPRNHFRCQVQFYGLSENDEWTQDRAKPVTQIVSAEAWG
RAD
;
D
#
# COMPACT_ATOMS: atom_id res chain seq x y z
N ARG A 3 -10.38 -28.20 14.08
CA ARG A 3 -8.94 -28.38 13.96
C ARG A 3 -8.24 -27.09 13.47
N LEU A 4 -6.92 -27.15 13.40
CA LEU A 4 -6.11 -26.03 12.96
C LEU A 4 -5.31 -26.43 11.72
N PHE A 5 -5.29 -25.55 10.72
CA PHE A 5 -4.59 -25.79 9.46
C PHE A 5 -3.73 -24.58 9.13
N PRO A 6 -2.63 -24.39 9.84
CA PRO A 6 -1.72 -23.28 9.52
C PRO A 6 -0.85 -23.62 8.33
N LEU A 7 -0.35 -22.58 7.69
CA LEU A 7 0.51 -22.73 6.51
C LEU A 7 1.94 -22.38 6.92
N ARG A 8 2.82 -23.37 6.87
CA ARG A 8 4.24 -23.18 7.18
C ARG A 8 5.05 -23.30 5.89
N CYS A 9 5.91 -22.33 5.63
CA CYS A 9 6.82 -22.36 4.49
C CYS A 9 8.24 -22.47 5.02
N LEU A 10 8.94 -23.54 4.65
CA LEU A 10 10.25 -23.83 5.18
C LEU A 10 11.30 -23.89 4.09
N GLN A 11 12.47 -23.30 4.38
CA GLN A 11 13.57 -23.14 3.43
C GLN A 11 14.83 -23.74 4.03
N ILE A 12 15.63 -24.42 3.23
CA ILE A 12 16.85 -25.09 3.69
C ILE A 12 17.97 -24.69 2.73
N SER A 13 18.72 -23.67 3.09
CA SER A 13 19.85 -23.20 2.30
C SER A 13 21.14 -23.72 2.92
N SER A 14 22.00 -24.31 2.10
CA SER A 14 23.24 -24.92 2.57
C SER A 14 24.39 -24.44 1.71
N PHE A 15 25.40 -23.85 2.36
CA PHE A 15 26.62 -23.41 1.69
C PHE A 15 27.77 -24.24 2.23
N ALA A 16 28.48 -24.93 1.33
CA ALA A 16 29.59 -25.78 1.74
C ALA A 16 30.94 -25.08 1.60
N ASN A 17 31.23 -24.52 0.43
CA ASN A 17 32.45 -23.76 0.22
C ASN A 17 32.11 -22.58 -0.68
N SER A 18 33.15 -21.97 -1.28
CA SER A 18 32.98 -20.68 -1.95
C SER A 18 31.97 -20.75 -3.09
N SER A 19 31.89 -21.88 -3.78
CA SER A 19 31.06 -21.99 -4.97
C SER A 19 29.87 -22.93 -4.84
N TRP A 20 29.98 -24.00 -4.07
CA TRP A 20 28.93 -25.00 -3.97
C TRP A 20 27.86 -24.55 -2.97
N THR A 21 26.62 -24.45 -3.43
CA THR A 21 25.50 -24.09 -2.56
C THR A 21 24.19 -24.48 -3.23
N ARG A 22 23.25 -25.01 -2.44
CA ARG A 22 21.93 -25.33 -2.94
C ARG A 22 20.87 -24.89 -1.92
N THR A 23 19.68 -24.56 -2.43
CA THR A 23 18.60 -24.11 -1.57
C THR A 23 17.31 -24.81 -2.01
N ASP A 24 16.68 -25.54 -1.08
CA ASP A 24 15.44 -26.25 -1.33
C ASP A 24 14.39 -25.81 -0.32
N GLY A 25 13.12 -26.02 -0.69
CA GLY A 25 12.03 -25.59 0.16
C GLY A 25 10.79 -26.44 -0.06
N LEU A 26 9.74 -26.11 0.69
CA LEU A 26 8.47 -26.83 0.64
C LEU A 26 7.47 -26.08 1.53
N ALA A 27 6.21 -26.50 1.48
CA ALA A 27 5.18 -25.84 2.26
C ALA A 27 4.19 -26.87 2.77
N TRP A 28 3.62 -26.61 3.95
CA TRP A 28 2.69 -27.52 4.58
C TRP A 28 1.40 -26.79 4.93
N LEU A 29 0.29 -27.54 4.95
CA LEU A 29 -1.01 -27.03 5.39
C LEU A 29 -1.59 -28.12 6.27
N GLY A 30 -1.55 -27.92 7.59
CA GLY A 30 -1.81 -29.01 8.51
C GLY A 30 -0.71 -30.06 8.39
N GLU A 31 -1.12 -31.32 8.45
CA GLU A 31 -0.18 -32.41 8.20
C GLU A 31 0.19 -32.56 6.73
N LEU A 32 -0.60 -31.98 5.82
CA LEU A 32 -0.45 -32.22 4.39
C LEU A 32 0.51 -31.24 3.75
N GLN A 33 1.39 -31.77 2.88
CA GLN A 33 2.37 -31.00 2.13
C GLN A 33 1.79 -30.69 0.75
N THR A 34 1.72 -29.40 0.42
CA THR A 34 1.03 -28.95 -0.78
C THR A 34 1.95 -28.40 -1.87
N HIS A 35 3.18 -28.03 -1.54
CA HIS A 35 4.11 -27.48 -2.50
C HIS A 35 5.50 -28.08 -2.28
N SER A 36 6.30 -28.11 -3.34
CA SER A 36 7.67 -28.57 -3.29
C SER A 36 8.51 -27.69 -4.21
N TRP A 37 9.65 -27.25 -3.72
CA TRP A 37 10.49 -26.28 -4.42
C TRP A 37 11.92 -26.77 -4.35
N SER A 38 12.52 -27.07 -5.50
CA SER A 38 13.80 -27.75 -5.58
C SER A 38 14.86 -26.83 -6.19
N ASN A 39 16.12 -27.08 -5.82
CA ASN A 39 17.22 -26.31 -6.43
C ASN A 39 17.30 -26.55 -7.92
N ASP A 40 17.13 -27.82 -8.34
CA ASP A 40 17.23 -28.16 -9.75
C ASP A 40 16.11 -27.52 -10.57
N SER A 41 14.93 -27.37 -9.96
CA SER A 41 13.78 -26.79 -10.61
C SER A 41 13.92 -25.27 -10.74
N ASP A 42 13.09 -24.69 -11.61
CA ASP A 42 13.03 -23.24 -11.75
C ASP A 42 11.64 -22.69 -11.43
N THR A 43 10.72 -23.54 -10.99
CA THR A 43 9.43 -23.10 -10.47
C THR A 43 9.12 -23.88 -9.20
N VAL A 44 8.23 -23.29 -8.40
CA VAL A 44 7.65 -24.00 -7.26
C VAL A 44 6.63 -25.00 -7.79
N ARG A 45 6.75 -26.26 -7.38
CA ARG A 45 5.85 -27.30 -7.87
C ARG A 45 4.64 -27.42 -6.95
N SER A 46 3.52 -27.82 -7.55
CA SER A 46 2.24 -27.91 -6.86
C SER A 46 1.81 -29.37 -6.83
N LEU A 47 1.68 -29.94 -5.63
CA LEU A 47 1.49 -31.37 -5.48
C LEU A 47 0.02 -31.78 -5.43
N LYS A 48 -0.90 -30.83 -5.47
CA LYS A 48 -2.30 -31.18 -5.37
C LYS A 48 -3.08 -30.41 -6.43
N PRO A 49 -4.15 -31.00 -6.97
CA PRO A 49 -5.01 -30.25 -7.91
C PRO A 49 -5.64 -29.00 -7.31
N TRP A 50 -5.58 -28.80 -5.99
CA TRP A 50 -6.10 -27.59 -5.34
C TRP A 50 -5.00 -26.71 -4.77
N SER A 51 -3.73 -27.02 -5.04
CA SER A 51 -2.61 -26.29 -4.45
C SER A 51 -2.58 -24.81 -4.82
N GLN A 52 -3.31 -24.40 -5.86
CA GLN A 52 -3.25 -23.01 -6.30
C GLN A 52 -4.27 -22.13 -5.59
N GLY A 53 -5.15 -22.70 -4.79
CA GLY A 53 -6.15 -21.92 -4.08
C GLY A 53 -7.12 -21.25 -5.02
N THR A 54 -7.48 -20.00 -4.72
CA THR A 54 -8.29 -19.17 -5.60
C THR A 54 -7.47 -18.03 -6.19
N PHE A 55 -6.20 -18.31 -6.49
CA PHE A 55 -5.34 -17.35 -7.17
C PHE A 55 -5.50 -17.50 -8.68
N SER A 56 -5.52 -16.37 -9.38
CA SER A 56 -5.53 -16.42 -10.83
C SER A 56 -4.15 -16.86 -11.34
N ASP A 57 -4.15 -17.42 -12.55
CA ASP A 57 -2.89 -17.88 -13.13
C ASP A 57 -1.92 -16.72 -13.33
N GLN A 58 -2.43 -15.51 -13.58
CA GLN A 58 -1.56 -14.37 -13.82
C GLN A 58 -0.82 -13.99 -12.55
N GLN A 59 -1.48 -14.11 -11.40
CA GLN A 59 -0.83 -13.69 -10.17
C GLN A 59 -0.06 -14.82 -9.51
N TRP A 60 -0.44 -16.09 -9.75
CA TRP A 60 0.42 -17.19 -9.35
C TRP A 60 1.78 -17.09 -10.03
N GLU A 61 1.82 -16.58 -11.26
CA GLU A 61 3.08 -16.47 -11.98
C GLU A 61 3.94 -15.32 -11.47
N THR A 62 3.33 -14.19 -11.11
CA THR A 62 4.11 -13.11 -10.51
C THR A 62 4.66 -13.53 -9.17
N LEU A 63 3.92 -14.36 -8.44
CA LEU A 63 4.44 -14.94 -7.22
C LEU A 63 5.61 -15.88 -7.52
N GLN A 64 5.49 -16.69 -8.58
CA GLN A 64 6.60 -17.50 -9.05
C GLN A 64 7.82 -16.62 -9.35
N HIS A 65 7.59 -15.43 -9.89
CA HIS A 65 8.69 -14.54 -10.22
C HIS A 65 9.38 -14.00 -8.97
N ILE A 66 8.60 -13.68 -7.93
CA ILE A 66 9.16 -13.10 -6.73
C ILE A 66 10.09 -14.08 -6.04
N PHE A 67 9.68 -15.34 -5.94
CA PHE A 67 10.56 -16.36 -5.35
C PHE A 67 11.80 -16.60 -6.20
N ARG A 68 11.66 -16.49 -7.53
CA ARG A 68 12.79 -16.76 -8.40
C ARG A 68 13.91 -15.76 -8.16
N VAL A 69 13.58 -14.46 -8.08
CA VAL A 69 14.58 -13.45 -7.77
C VAL A 69 15.04 -13.58 -6.32
N TYR A 70 14.16 -14.05 -5.44
CA TYR A 70 14.52 -14.19 -4.03
C TYR A 70 15.63 -15.21 -3.85
N ARG A 71 15.53 -16.36 -4.51
CA ARG A 71 16.56 -17.39 -4.35
C ARG A 71 17.94 -16.88 -4.79
N SER A 72 18.01 -16.18 -5.93
CA SER A 72 19.29 -15.65 -6.39
C SER A 72 19.85 -14.62 -5.42
N SER A 73 19.02 -13.63 -5.03
CA SER A 73 19.52 -12.56 -4.19
C SER A 73 19.93 -13.06 -2.81
N PHE A 74 19.16 -14.01 -2.25
CA PHE A 74 19.46 -14.55 -0.93
C PHE A 74 20.87 -15.14 -0.88
N THR A 75 21.21 -16.01 -1.84
CA THR A 75 22.55 -16.58 -1.84
C THR A 75 23.62 -15.51 -2.08
N ARG A 76 23.31 -14.50 -2.90
CA ARG A 76 24.25 -13.40 -3.11
C ARG A 76 24.47 -12.61 -1.83
N ASP A 77 23.37 -12.28 -1.14
CA ASP A 77 23.48 -11.51 0.09
C ASP A 77 24.18 -12.33 1.20
N VAL A 78 23.88 -13.62 1.29
CA VAL A 78 24.47 -14.45 2.35
C VAL A 78 25.97 -14.63 2.12
N LYS A 79 26.39 -14.81 0.86
CA LYS A 79 27.82 -14.89 0.58
C LYS A 79 28.53 -13.61 1.02
N GLU A 80 27.96 -12.45 0.68
CA GLU A 80 28.63 -11.19 0.99
C GLU A 80 28.71 -10.94 2.49
N PHE A 81 27.74 -11.45 3.26
CA PHE A 81 27.84 -11.34 4.71
C PHE A 81 29.00 -12.16 5.24
N ALA A 82 29.35 -13.26 4.57
CA ALA A 82 30.39 -14.14 5.07
C ALA A 82 31.78 -13.54 4.89
N LYS A 83 31.96 -12.72 3.85
CA LYS A 83 33.22 -12.03 3.68
C LYS A 83 33.30 -10.80 4.57
N MET A 84 32.19 -10.09 4.70
CA MET A 84 32.18 -8.85 5.48
C MET A 84 32.58 -9.12 6.93
N LEU A 85 31.90 -10.06 7.57
CA LEU A 85 32.05 -10.26 9.01
C LEU A 85 32.85 -11.51 9.36
N ARG A 86 33.68 -12.00 8.44
CA ARG A 86 34.70 -13.00 8.76
C ARG A 86 34.10 -14.27 9.38
N LEU A 87 33.29 -14.99 8.61
CA LEU A 87 32.69 -16.23 9.07
C LEU A 87 33.12 -17.39 8.17
N SER A 88 33.31 -18.56 8.80
CA SER A 88 33.77 -19.77 8.12
C SER A 88 32.63 -20.39 7.30
N TYR A 89 32.98 -21.34 6.42
CA TYR A 89 32.03 -21.59 5.33
C TYR A 89 31.18 -22.86 5.40
N PRO A 90 31.27 -23.72 6.41
CA PRO A 90 30.14 -24.63 6.63
C PRO A 90 28.94 -23.84 7.18
N LEU A 91 28.08 -23.33 6.30
CA LEU A 91 26.98 -22.44 6.66
C LEU A 91 25.64 -23.12 6.41
N GLU A 92 24.76 -23.06 7.41
CA GLU A 92 23.44 -23.72 7.36
C GLU A 92 22.39 -22.71 7.82
N LEU A 93 21.64 -22.15 6.87
CA LEU A 93 20.55 -21.25 7.17
C LEU A 93 19.21 -21.93 6.92
N GLN A 94 18.24 -21.67 7.80
CA GLN A 94 16.89 -22.18 7.71
C GLN A 94 15.90 -21.04 7.95
N VAL A 95 14.81 -21.03 7.19
CA VAL A 95 13.77 -20.01 7.34
C VAL A 95 12.44 -20.71 7.54
N SER A 96 11.62 -20.18 8.45
CA SER A 96 10.31 -20.76 8.77
C SER A 96 9.30 -19.62 8.93
N ALA A 97 8.57 -19.32 7.85
CA ALA A 97 7.56 -18.26 7.81
C ALA A 97 6.19 -18.85 7.48
N GLY A 98 5.16 -18.02 7.61
CA GLY A 98 3.81 -18.43 7.35
C GLY A 98 2.80 -17.66 8.19
N CYS A 99 1.55 -18.12 8.13
CA CYS A 99 0.47 -17.48 8.87
C CYS A 99 -0.60 -18.49 9.20
N GLU A 100 -1.58 -18.03 9.96
CA GLU A 100 -2.67 -18.88 10.41
C GLU A 100 -3.91 -18.00 10.48
N VAL A 101 -4.94 -18.33 9.73
CA VAL A 101 -6.14 -17.51 9.66
C VAL A 101 -7.10 -17.93 10.75
N HIS A 102 -7.56 -16.96 11.54
CA HIS A 102 -8.54 -17.23 12.57
C HIS A 102 -9.83 -16.52 12.23
N PRO A 103 -10.93 -17.25 12.07
CA PRO A 103 -12.25 -16.61 11.86
C PRO A 103 -12.54 -15.49 12.85
N GLY A 104 -11.97 -15.55 14.06
CA GLY A 104 -12.20 -14.53 15.06
C GLY A 104 -11.27 -13.33 15.01
N ASN A 105 -10.67 -13.07 13.86
CA ASN A 105 -9.91 -11.85 13.59
C ASN A 105 -8.74 -11.66 14.56
N ALA A 106 -7.81 -12.61 14.50
CA ALA A 106 -6.57 -12.56 15.29
C ALA A 106 -5.52 -13.40 14.57
N SER A 107 -5.18 -13.00 13.35
CA SER A 107 -4.30 -13.79 12.50
C SER A 107 -2.84 -13.67 12.94
N ASN A 108 -2.10 -14.75 12.80
CA ASN A 108 -0.72 -14.87 13.28
C ASN A 108 0.24 -14.70 12.11
N ASN A 109 1.26 -13.85 12.28
CA ASN A 109 2.34 -13.73 11.31
C ASN A 109 3.66 -14.07 11.99
N PHE A 110 4.51 -14.83 11.29
CA PHE A 110 5.86 -15.10 11.76
C PHE A 110 6.82 -15.26 10.59
N PHE A 111 8.10 -15.06 10.90
CA PHE A 111 9.17 -15.22 9.91
C PHE A 111 10.46 -15.38 10.71
N HIS A 112 10.98 -16.60 10.78
CA HIS A 112 12.11 -16.94 11.65
C HIS A 112 13.30 -17.45 10.85
N VAL A 113 14.50 -16.98 11.22
CA VAL A 113 15.75 -17.42 10.61
C VAL A 113 16.62 -18.11 11.65
N ALA A 114 17.36 -19.13 11.23
CA ALA A 114 18.26 -19.88 12.10
C ALA A 114 19.60 -20.08 11.42
N PHE A 115 20.64 -20.17 12.23
CA PHE A 115 22.00 -20.28 11.75
C PHE A 115 22.70 -21.41 12.50
N GLN A 116 23.18 -22.42 11.76
CA GLN A 116 23.79 -23.62 12.33
C GLN A 116 22.87 -24.28 13.36
N GLY A 117 21.56 -24.16 13.14
CA GLY A 117 20.61 -24.76 14.05
C GLY A 117 20.30 -23.93 15.26
N LYS A 118 20.63 -22.64 15.24
CA LYS A 118 20.30 -21.73 16.34
C LYS A 118 19.59 -20.49 15.82
N ASP A 119 18.56 -20.05 16.56
CA ASP A 119 17.83 -18.83 16.20
C ASP A 119 18.75 -17.62 16.26
N ILE A 120 18.61 -16.73 15.27
CA ILE A 120 19.42 -15.52 15.24
C ILE A 120 18.61 -14.24 15.04
N LEU A 121 17.51 -14.30 14.28
CA LEU A 121 16.73 -13.09 14.00
C LEU A 121 15.36 -13.46 13.42
N SER A 122 14.43 -12.51 13.52
CA SER A 122 13.08 -12.68 12.99
C SER A 122 12.58 -11.34 12.47
N PHE A 123 11.33 -11.34 12.01
CA PHE A 123 10.64 -10.15 11.52
C PHE A 123 9.43 -9.94 12.43
N GLN A 124 9.32 -8.75 13.02
CA GLN A 124 8.27 -8.51 14.01
C GLN A 124 7.26 -7.48 13.51
N GLY A 125 7.61 -6.20 13.47
CA GLY A 125 6.61 -5.25 13.01
C GLY A 125 6.82 -4.84 11.58
N THR A 126 7.75 -3.92 11.37
CA THR A 126 8.16 -3.48 10.05
C THR A 126 9.65 -3.72 9.80
N SER A 127 10.30 -4.53 10.64
CA SER A 127 11.75 -4.62 10.63
C SER A 127 12.18 -5.97 11.22
N TRP A 128 13.45 -6.30 11.01
CA TRP A 128 14.06 -7.49 11.57
C TRP A 128 14.70 -7.21 12.92
N GLU A 129 14.62 -8.19 13.82
CA GLU A 129 15.04 -8.04 15.19
C GLU A 129 15.87 -9.25 15.57
N PRO A 130 17.00 -9.07 16.24
CA PRO A 130 17.80 -10.21 16.68
C PRO A 130 17.25 -10.80 17.98
N THR A 131 17.69 -12.01 18.27
CA THR A 131 17.36 -12.65 19.55
C THR A 131 18.43 -12.32 20.59
N GLN A 132 18.04 -12.39 21.87
CA GLN A 132 18.96 -12.12 22.97
C GLN A 132 20.18 -13.02 22.92
N GLU A 133 19.99 -14.30 22.60
CA GLU A 133 21.08 -15.26 22.59
C GLU A 133 21.95 -15.17 21.35
N ALA A 134 21.53 -14.43 20.33
CA ALA A 134 22.29 -14.36 19.09
C ALA A 134 23.64 -13.68 19.34
N PRO A 135 24.65 -13.99 18.53
CA PRO A 135 25.95 -13.32 18.69
C PRO A 135 25.93 -11.82 18.39
N LEU A 136 27.10 -11.20 18.45
CA LEU A 136 27.20 -9.75 18.25
C LEU A 136 27.23 -9.39 16.78
N TRP A 137 27.86 -10.21 15.93
CA TRP A 137 27.93 -9.90 14.51
C TRP A 137 26.54 -9.83 13.87
N VAL A 138 25.56 -10.54 14.44
CA VAL A 138 24.20 -10.50 13.92
C VAL A 138 23.71 -9.06 13.84
N ASN A 139 24.10 -8.23 14.81
CA ASN A 139 23.61 -6.85 14.84
C ASN A 139 24.20 -6.01 13.72
N LEU A 140 25.41 -6.35 13.26
CA LEU A 140 25.97 -5.64 12.10
C LEU A 140 25.19 -5.96 10.84
N ALA A 141 24.77 -7.21 10.68
CA ALA A 141 23.96 -7.58 9.53
C ALA A 141 22.56 -7.02 9.62
N ILE A 142 22.02 -6.88 10.83
CA ILE A 142 20.62 -6.50 11.00
C ILE A 142 20.38 -5.06 10.59
N GLN A 143 21.35 -4.18 10.78
CA GLN A 143 21.08 -2.79 10.43
C GLN A 143 21.42 -2.45 8.98
N VAL A 144 22.02 -3.37 8.23
CA VAL A 144 22.02 -3.20 6.77
C VAL A 144 20.78 -3.83 6.14
N LEU A 145 20.25 -4.90 6.74
CA LEU A 145 19.01 -5.49 6.25
C LEU A 145 17.87 -4.49 6.37
N ASN A 146 17.87 -3.68 7.43
CA ASN A 146 16.77 -2.79 7.70
C ASN A 146 16.77 -1.54 6.83
N GLN A 147 17.86 -1.27 6.10
CA GLN A 147 17.90 -0.18 5.15
C GLN A 147 17.59 -0.64 3.73
N ASP A 148 16.94 -1.78 3.60
CA ASP A 148 16.32 -2.23 2.35
C ASP A 148 14.83 -2.02 2.53
N LYS A 149 14.36 -0.80 2.20
CA LYS A 149 12.97 -0.47 2.44
C LYS A 149 12.03 -1.31 1.57
N TRP A 150 12.50 -1.74 0.40
CA TRP A 150 11.64 -2.47 -0.53
C TRP A 150 11.33 -3.87 -0.03
N THR A 151 12.36 -4.65 0.32
CA THR A 151 12.15 -5.99 0.85
C THR A 151 11.32 -5.96 2.13
N ARG A 152 11.67 -5.07 3.06
CA ARG A 152 10.87 -4.89 4.26
C ARG A 152 9.42 -4.57 3.92
N GLU A 153 9.21 -3.66 2.97
CA GLU A 153 7.85 -3.34 2.56
C GLU A 153 7.18 -4.52 1.88
N THR A 154 7.90 -5.20 0.99
CA THR A 154 7.36 -6.39 0.32
C THR A 154 7.02 -7.47 1.33
N VAL A 155 8.02 -7.86 2.14
CA VAL A 155 7.86 -8.88 3.18
C VAL A 155 6.57 -8.61 3.96
N GLN A 156 6.34 -7.34 4.33
CA GLN A 156 5.13 -6.99 5.06
C GLN A 156 3.86 -7.33 4.28
N TRP A 157 3.91 -7.27 2.95
CA TRP A 157 2.71 -7.51 2.16
C TRP A 157 2.35 -9.00 2.09
N LEU A 158 3.35 -9.89 2.17
CA LEU A 158 3.11 -11.33 2.08
C LEU A 158 2.51 -11.91 3.36
N LEU A 159 3.05 -11.53 4.53
CA LEU A 159 2.51 -12.07 5.78
C LEU A 159 1.17 -11.43 6.11
N ASN A 160 1.11 -10.10 6.09
CA ASN A 160 -0.15 -9.42 6.45
C ASN A 160 -1.23 -9.70 5.42
N GLY A 161 -0.87 -9.72 4.12
CA GLY A 161 -1.85 -9.69 3.04
C GLY A 161 -2.05 -10.96 2.24
N THR A 162 -1.03 -11.39 1.49
CA THR A 162 -1.23 -12.50 0.56
C THR A 162 -1.34 -13.84 1.28
N CYS A 163 -0.65 -14.02 2.41
CA CYS A 163 -0.76 -15.28 3.15
C CYS A 163 -2.17 -15.55 3.65
N PRO A 164 -2.87 -14.62 4.31
CA PRO A 164 -4.23 -14.94 4.75
C PRO A 164 -5.19 -15.17 3.60
N GLN A 165 -5.00 -14.47 2.48
CA GLN A 165 -5.83 -14.73 1.30
C GLN A 165 -5.58 -16.15 0.80
N PHE A 166 -4.32 -16.58 0.82
CA PHE A 166 -3.98 -17.91 0.34
C PHE A 166 -4.59 -18.99 1.19
N VAL A 167 -4.40 -18.92 2.51
CA VAL A 167 -4.90 -19.97 3.39
C VAL A 167 -6.41 -20.10 3.26
N SER A 168 -7.10 -18.98 3.06
CA SER A 168 -8.55 -19.02 2.90
C SER A 168 -8.92 -19.68 1.59
N GLY A 169 -8.20 -19.33 0.52
CA GLY A 169 -8.41 -20.01 -0.75
C GLY A 169 -8.17 -21.50 -0.67
N LEU A 170 -7.15 -21.93 0.09
CA LEU A 170 -6.81 -23.34 0.15
C LEU A 170 -7.79 -24.14 0.98
N LEU A 171 -8.38 -23.52 2.02
CA LEU A 171 -9.43 -24.20 2.77
C LEU A 171 -10.68 -24.39 1.94
N GLU A 172 -10.91 -23.50 0.97
CA GLU A 172 -12.02 -23.69 0.03
C GLU A 172 -11.75 -24.85 -0.91
N SER A 173 -10.70 -24.72 -1.73
CA SER A 173 -10.40 -25.70 -2.78
C SER A 173 -10.26 -27.11 -2.20
N GLY A 174 -9.46 -27.25 -1.15
CA GLY A 174 -9.17 -28.56 -0.57
C GLY A 174 -10.08 -29.00 0.54
N LYS A 175 -11.32 -28.47 0.57
CA LYS A 175 -12.25 -28.78 1.65
C LYS A 175 -12.51 -30.28 1.77
N SER A 176 -12.49 -31.00 0.65
CA SER A 176 -12.84 -32.42 0.67
C SER A 176 -11.68 -33.30 1.11
N GLU A 177 -10.44 -32.99 0.69
CA GLU A 177 -9.33 -33.85 1.08
C GLU A 177 -8.93 -33.65 2.53
N LEU A 178 -9.08 -32.42 3.06
CA LEU A 178 -8.74 -32.16 4.45
C LEU A 178 -9.68 -32.91 5.39
N LYS A 179 -10.95 -33.01 5.04
CA LYS A 179 -11.95 -33.66 5.88
C LYS A 179 -11.95 -35.18 5.72
N LYS A 180 -11.18 -35.73 4.78
CA LYS A 180 -11.20 -37.17 4.52
C LYS A 180 -10.83 -37.94 5.77
N GLN A 181 -11.19 -39.23 5.78
CA GLN A 181 -10.93 -40.10 6.91
C GLN A 181 -10.59 -41.49 6.39
N VAL A 182 -9.46 -42.02 6.83
CA VAL A 182 -9.03 -43.37 6.48
C VAL A 182 -8.86 -44.17 7.76
N LYS A 183 -9.40 -45.44 7.78
CA LYS A 183 -9.37 -46.27 8.98
C LYS A 183 -8.09 -47.09 9.04
N PRO A 184 -7.52 -47.26 10.24
CA PRO A 184 -6.30 -48.04 10.37
C PRO A 184 -6.58 -49.53 10.46
N LYS A 185 -5.50 -50.30 10.38
CA LYS A 185 -5.52 -51.73 10.67
C LYS A 185 -4.46 -52.00 11.73
N ALA A 186 -4.70 -53.05 12.52
CA ALA A 186 -3.81 -53.39 13.60
C ALA A 186 -3.43 -54.86 13.50
N TRP A 187 -2.35 -55.23 14.18
CA TRP A 187 -1.90 -56.62 14.26
C TRP A 187 -0.87 -56.69 15.39
N LEU A 188 -0.53 -57.93 15.79
CA LEU A 188 0.34 -58.19 16.92
C LEU A 188 1.49 -59.11 16.55
N SER A 189 2.69 -58.82 17.04
CA SER A 189 3.84 -59.71 16.90
C SER A 189 4.53 -59.78 18.26
N ARG A 190 5.79 -60.24 18.26
CA ARG A 190 6.58 -60.32 19.48
C ARG A 190 7.99 -59.89 19.15
N GLY A 191 8.52 -58.92 19.87
CA GLY A 191 9.82 -58.38 19.52
C GLY A 191 10.89 -58.62 20.56
N PRO A 192 11.71 -57.59 20.79
CA PRO A 192 12.70 -57.64 21.90
C PRO A 192 12.09 -58.11 23.21
N SER A 193 12.52 -59.26 23.67
CA SER A 193 12.05 -59.69 25.01
C SER A 193 12.96 -59.12 26.10
N PRO A 194 12.41 -58.45 27.12
CA PRO A 194 13.26 -57.81 28.15
C PRO A 194 14.12 -58.79 28.93
N GLY A 195 13.49 -59.66 29.74
CA GLY A 195 14.20 -60.68 30.49
C GLY A 195 13.97 -62.04 29.87
N PRO A 196 14.38 -63.12 30.56
CA PRO A 196 14.03 -64.48 30.11
C PRO A 196 12.57 -64.86 30.31
N GLY A 197 11.97 -64.47 31.45
CA GLY A 197 10.56 -64.72 31.71
C GLY A 197 9.68 -63.59 31.21
N ARG A 198 10.25 -62.40 31.09
CA ARG A 198 9.51 -61.22 30.64
C ARG A 198 9.47 -61.18 29.11
N LEU A 199 8.26 -61.18 28.55
CA LEU A 199 8.07 -61.06 27.11
C LEU A 199 7.57 -59.66 26.77
N LEU A 200 7.89 -59.19 25.58
CA LEU A 200 7.45 -57.88 25.12
C LEU A 200 6.47 -58.07 23.96
N LEU A 201 5.23 -57.70 24.22
CA LEU A 201 4.16 -57.80 23.23
C LEU A 201 4.04 -56.48 22.47
N VAL A 202 3.93 -56.56 21.16
CA VAL A 202 3.88 -55.36 20.33
C VAL A 202 2.51 -55.29 19.64
N CYS A 203 2.04 -54.07 19.45
CA CYS A 203 0.77 -53.80 18.78
C CYS A 203 1.01 -52.69 17.77
N HIS A 204 0.94 -53.02 16.48
CA HIS A 204 1.15 -52.06 15.41
C HIS A 204 -0.21 -51.59 14.88
N VAL A 205 -0.31 -50.30 14.57
CA VAL A 205 -1.49 -49.75 13.89
C VAL A 205 -1.00 -48.91 12.72
N SER A 206 -1.53 -49.18 11.52
CA SER A 206 -0.95 -48.61 10.30
C SER A 206 -2.04 -48.20 9.32
N GLY A 207 -2.09 -46.92 8.97
CA GLY A 207 -2.89 -46.46 7.85
C GLY A 207 -4.03 -45.49 8.15
N PHE A 208 -3.88 -44.61 9.15
CA PHE A 208 -4.91 -43.67 9.53
C PHE A 208 -4.55 -42.25 9.07
N TYR A 209 -5.55 -41.52 8.51
CA TYR A 209 -5.20 -40.22 7.93
C TYR A 209 -5.23 -39.08 8.95
N PRO A 210 -6.36 -38.72 9.54
CA PRO A 210 -6.30 -37.65 10.55
C PRO A 210 -5.32 -38.06 11.64
N LYS A 211 -4.28 -37.25 11.82
CA LYS A 211 -3.13 -37.69 12.61
C LYS A 211 -3.45 -38.06 14.06
N PRO A 212 -4.25 -37.29 14.82
CA PRO A 212 -4.50 -37.66 16.22
C PRO A 212 -5.07 -39.08 16.34
N VAL A 213 -4.61 -39.79 17.37
CA VAL A 213 -4.93 -41.21 17.54
C VAL A 213 -4.73 -41.58 19.00
N TRP A 214 -5.29 -42.71 19.41
CA TRP A 214 -5.28 -43.15 20.81
C TRP A 214 -5.16 -44.66 20.82
N VAL A 215 -4.02 -45.20 21.25
CA VAL A 215 -3.84 -46.65 21.38
C VAL A 215 -3.33 -46.95 22.78
N LYS A 216 -3.80 -48.06 23.35
CA LYS A 216 -3.38 -48.44 24.70
C LYS A 216 -3.68 -49.92 24.93
N TRP A 217 -2.75 -50.62 25.55
CA TRP A 217 -3.02 -51.96 26.05
C TRP A 217 -3.95 -51.88 27.26
N MET A 218 -4.60 -53.01 27.55
CA MET A 218 -5.53 -53.12 28.66
C MET A 218 -5.65 -54.58 29.07
N ARG A 219 -6.00 -54.81 30.33
CA ARG A 219 -6.38 -56.14 30.82
C ARG A 219 -7.89 -56.29 30.69
N GLY A 220 -8.33 -56.48 29.44
CA GLY A 220 -9.75 -56.53 29.13
C GLY A 220 -10.37 -55.15 29.00
N GLU A 221 -10.53 -54.47 30.14
CA GLU A 221 -10.93 -53.07 30.16
C GLU A 221 -10.26 -52.28 31.27
N GLN A 222 -9.33 -52.87 32.03
CA GLN A 222 -8.58 -52.17 33.06
C GLN A 222 -7.34 -51.54 32.42
N GLU A 223 -7.35 -50.22 32.30
CA GLU A 223 -6.29 -49.51 31.59
C GLU A 223 -4.94 -49.71 32.26
N GLN A 224 -4.03 -50.41 31.59
CA GLN A 224 -2.69 -50.61 32.10
C GLN A 224 -1.82 -49.38 31.81
N GLN A 225 -0.85 -49.14 32.69
CA GLN A 225 0.12 -48.06 32.50
C GLN A 225 1.42 -48.54 31.88
N GLY A 226 1.66 -49.85 31.82
CA GLY A 226 2.80 -50.40 31.12
C GLY A 226 2.78 -50.20 29.62
N THR A 227 1.74 -49.58 29.09
CA THR A 227 1.66 -49.23 27.67
C THR A 227 2.52 -48.00 27.42
N GLN A 228 3.51 -48.14 26.54
CA GLN A 228 4.42 -47.06 26.18
C GLN A 228 4.45 -46.91 24.67
N PRO A 229 3.87 -45.87 24.10
CA PRO A 229 3.83 -45.72 22.64
C PRO A 229 5.01 -44.94 22.09
N GLY A 230 5.30 -45.21 20.82
CA GLY A 230 6.41 -44.58 20.13
C GLY A 230 6.01 -43.29 19.44
N ASP A 231 6.81 -42.91 18.46
CA ASP A 231 6.53 -41.72 17.68
C ASP A 231 5.49 -42.03 16.60
N ILE A 232 4.88 -40.97 16.08
CA ILE A 232 3.98 -41.09 14.94
C ILE A 232 4.83 -40.95 13.69
N LEU A 233 5.02 -42.05 12.95
CA LEU A 233 5.88 -42.05 11.77
C LEU A 233 5.08 -42.11 10.46
N PRO A 234 5.52 -41.40 9.42
CA PRO A 234 4.74 -41.34 8.18
C PRO A 234 4.92 -42.56 7.29
N ASN A 235 3.83 -42.91 6.62
CA ASN A 235 3.87 -43.78 5.45
C ASN A 235 3.92 -42.93 4.20
N ALA A 236 4.29 -43.55 3.07
CA ALA A 236 4.29 -42.81 1.81
C ALA A 236 2.88 -42.49 1.35
N ASP A 237 1.86 -43.13 1.95
CA ASP A 237 0.45 -42.88 1.64
C ASP A 237 -0.03 -41.48 1.97
N GLU A 238 0.70 -40.75 2.81
CA GLU A 238 0.19 -39.63 3.60
C GLU A 238 -0.71 -40.11 4.73
N THR A 239 -0.60 -41.40 5.08
CA THR A 239 -1.15 -41.96 6.30
C THR A 239 -0.02 -42.13 7.33
N TRP A 240 -0.34 -42.78 8.45
CA TRP A 240 0.57 -42.78 9.59
C TRP A 240 0.65 -44.17 10.20
N TYR A 241 1.69 -44.37 11.02
CA TYR A 241 2.02 -45.63 11.68
C TYR A 241 2.50 -45.35 13.09
N LEU A 242 2.06 -46.18 14.04
CA LEU A 242 2.50 -46.07 15.42
C LEU A 242 2.62 -47.46 16.03
N ARG A 243 3.71 -47.67 16.78
CA ARG A 243 3.96 -48.90 17.52
C ARG A 243 3.64 -48.70 19.00
N ALA A 244 3.21 -49.78 19.64
CA ALA A 244 2.81 -49.75 21.05
C ALA A 244 3.33 -51.00 21.75
N THR A 245 3.97 -50.81 22.91
CA THR A 245 4.76 -51.83 23.59
C THR A 245 4.18 -52.12 24.98
N LEU A 246 4.61 -53.24 25.57
CA LEU A 246 4.16 -53.65 26.91
C LEU A 246 5.03 -54.76 27.49
N ASP A 247 5.87 -54.44 28.47
CA ASP A 247 6.83 -55.38 29.05
C ASP A 247 6.22 -56.07 30.26
N VAL A 248 5.93 -57.37 30.12
CA VAL A 248 5.29 -58.15 31.17
C VAL A 248 5.88 -59.56 31.16
N VAL A 249 5.68 -60.27 32.28
CA VAL A 249 6.12 -61.66 32.40
C VAL A 249 5.14 -62.58 31.67
N ALA A 250 5.53 -63.85 31.48
CA ALA A 250 4.75 -64.74 30.63
C ALA A 250 3.45 -65.18 31.29
N GLY A 251 3.40 -65.20 32.62
CA GLY A 251 2.15 -65.54 33.28
C GLY A 251 1.12 -64.42 33.18
N GLU A 252 1.56 -63.18 33.44
CA GLU A 252 0.71 -62.00 33.36
C GLU A 252 0.49 -61.58 31.91
N ALA A 253 0.50 -62.54 30.99
CA ALA A 253 0.47 -62.27 29.56
C ALA A 253 -0.74 -62.85 28.83
N ALA A 254 -1.30 -63.95 29.30
CA ALA A 254 -2.51 -64.48 28.68
C ALA A 254 -3.70 -63.61 29.05
N GLY A 255 -4.47 -63.21 28.04
CA GLY A 255 -5.71 -62.52 28.28
C GLY A 255 -5.65 -61.03 28.37
N LEU A 256 -4.76 -60.37 27.63
CA LEU A 256 -4.76 -58.92 27.51
C LEU A 256 -5.31 -58.51 26.14
N SER A 257 -5.30 -57.20 25.89
CA SER A 257 -5.93 -56.64 24.70
C SER A 257 -5.20 -55.37 24.29
N CYS A 258 -5.19 -55.12 22.97
CA CYS A 258 -4.74 -53.86 22.41
C CYS A 258 -5.97 -53.17 21.83
N ARG A 259 -6.28 -51.98 22.33
CA ARG A 259 -7.47 -51.24 21.96
C ARG A 259 -7.07 -49.90 21.36
N VAL A 260 -7.64 -49.58 20.20
CA VAL A 260 -7.30 -48.37 19.46
C VAL A 260 -8.57 -47.58 19.19
N LYS A 261 -8.47 -46.25 19.25
CA LYS A 261 -9.59 -45.34 19.03
C LYS A 261 -9.14 -44.25 18.07
N HIS A 262 -9.89 -44.07 16.98
CA HIS A 262 -9.54 -43.09 15.95
C HIS A 262 -10.80 -42.40 15.43
N SER A 263 -10.62 -41.18 14.93
CA SER A 263 -11.74 -40.36 14.50
C SER A 263 -12.51 -40.95 13.33
N SER A 264 -11.91 -41.87 12.58
CA SER A 264 -12.57 -42.35 11.36
C SER A 264 -13.41 -43.58 11.61
N LEU A 265 -13.08 -44.38 12.62
CA LEU A 265 -13.93 -45.49 12.99
C LEU A 265 -15.02 -44.93 13.91
N GLU A 266 -16.28 -45.06 13.49
CA GLU A 266 -17.42 -44.37 14.11
C GLU A 266 -17.93 -45.16 15.32
N GLY A 267 -17.35 -44.88 16.48
CA GLY A 267 -17.83 -45.49 17.72
C GLY A 267 -17.21 -46.82 18.03
N GLN A 268 -16.98 -47.65 17.03
CA GLN A 268 -16.38 -48.94 17.34
C GLN A 268 -14.88 -48.75 17.45
N ASP A 269 -14.22 -49.72 18.07
CA ASP A 269 -12.79 -49.63 18.34
C ASP A 269 -12.16 -51.00 18.11
N ILE A 270 -11.07 -51.03 17.36
CA ILE A 270 -10.40 -52.29 17.07
C ILE A 270 -9.73 -52.77 18.35
N VAL A 271 -10.06 -53.98 18.76
CA VAL A 271 -9.43 -54.61 19.92
C VAL A 271 -8.81 -55.92 19.45
N LEU A 272 -7.60 -56.19 19.94
CA LEU A 272 -6.83 -57.36 19.53
C LEU A 272 -6.32 -58.07 20.77
N TYR A 273 -6.79 -59.29 21.00
CA TYR A 273 -6.44 -60.06 22.17
C TYR A 273 -5.36 -61.09 21.85
N TRP A 274 -4.93 -61.80 22.88
CA TRP A 274 -3.87 -62.76 22.74
C TRP A 274 -4.34 -64.17 23.11
N ILE B 2 29.09 -31.13 12.54
CA ILE B 2 28.86 -31.99 13.70
C ILE B 2 28.03 -31.26 14.75
N GLN B 3 26.81 -31.73 15.00
CA GLN B 3 25.99 -31.19 16.09
C GLN B 3 25.07 -32.28 16.64
N ARG B 4 24.13 -32.76 15.81
CA ARG B 4 23.08 -33.66 16.25
C ARG B 4 23.00 -34.89 15.36
N THR B 5 22.91 -36.14 16.02
CA THR B 5 23.09 -37.41 15.32
C THR B 5 21.74 -38.10 15.04
N PRO B 6 21.61 -38.73 13.88
CA PRO B 6 20.28 -39.19 13.44
C PRO B 6 19.72 -40.34 14.24
N LYS B 7 18.41 -40.32 14.44
CA LYS B 7 17.66 -41.45 14.95
C LYS B 7 17.10 -42.21 13.76
N ILE B 8 17.09 -43.55 13.83
CA ILE B 8 16.76 -44.40 12.70
C ILE B 8 15.70 -45.42 13.12
N GLN B 9 14.57 -45.45 12.41
CA GLN B 9 13.45 -46.34 12.71
C GLN B 9 12.95 -47.01 11.43
N VAL B 10 12.73 -48.32 11.50
CA VAL B 10 12.43 -49.15 10.34
C VAL B 10 11.12 -49.87 10.59
N TYR B 11 10.25 -49.91 9.59
CA TYR B 11 8.93 -50.48 9.74
C TYR B 11 8.37 -50.81 8.38
N SER B 12 7.31 -51.63 8.38
CA SER B 12 6.58 -52.01 7.18
C SER B 12 5.20 -51.36 7.18
N ARG B 13 4.71 -51.06 5.97
CA ARG B 13 3.39 -50.47 5.80
C ARG B 13 2.27 -51.42 6.23
N HIS B 14 2.25 -52.64 5.69
CA HIS B 14 1.28 -53.67 6.07
C HIS B 14 1.96 -54.74 6.92
N PRO B 15 1.18 -55.60 7.60
CA PRO B 15 1.81 -56.66 8.39
C PRO B 15 2.60 -57.61 7.49
N ALA B 16 3.79 -57.99 7.95
CA ALA B 16 4.61 -58.91 7.18
C ALA B 16 3.83 -60.19 6.92
N GLU B 17 3.73 -60.56 5.64
CA GLU B 17 3.13 -61.83 5.26
C GLU B 17 3.86 -62.30 4.02
N ASN B 18 4.55 -63.44 4.12
CA ASN B 18 5.46 -63.87 3.07
C ASN B 18 4.72 -64.01 1.75
N GLY B 19 5.35 -63.51 0.68
CA GLY B 19 4.83 -63.68 -0.66
C GLY B 19 3.86 -62.61 -1.13
N LYS B 20 3.50 -61.67 -0.27
CA LYS B 20 2.46 -60.69 -0.56
C LYS B 20 3.02 -59.27 -0.47
N SER B 21 2.78 -58.48 -1.52
CA SER B 21 3.41 -57.16 -1.69
C SER B 21 3.26 -56.26 -0.46
N ASN B 22 4.16 -55.31 -0.30
CA ASN B 22 4.26 -54.51 0.93
C ASN B 22 5.19 -53.35 0.62
N PHE B 23 5.56 -52.59 1.65
CA PHE B 23 6.42 -51.43 1.53
C PHE B 23 7.35 -51.36 2.73
N LEU B 24 8.64 -51.17 2.48
CA LEU B 24 9.65 -51.06 3.52
C LEU B 24 10.02 -49.59 3.73
N ASN B 25 9.94 -49.13 4.98
CA ASN B 25 10.18 -47.73 5.31
C ASN B 25 11.35 -47.57 6.26
N CYS B 26 12.13 -46.51 6.06
CA CYS B 26 13.16 -46.07 6.99
C CYS B 26 12.99 -44.58 7.24
N TYR B 27 12.77 -44.18 8.50
CA TYR B 27 12.55 -42.80 8.87
C TYR B 27 13.74 -42.33 9.72
N VAL B 28 14.48 -41.34 9.23
CA VAL B 28 15.61 -40.79 9.96
C VAL B 28 15.31 -39.32 10.27
N SER B 29 15.59 -38.92 11.51
CA SER B 29 15.14 -37.64 12.02
C SER B 29 16.08 -37.13 13.09
N GLY B 30 15.87 -35.87 13.49
CA GLY B 30 16.56 -35.32 14.64
C GLY B 30 18.04 -35.09 14.48
N PHE B 31 18.53 -34.90 13.26
CA PHE B 31 19.96 -34.74 13.02
C PHE B 31 20.28 -33.34 12.53
N HIS B 32 21.57 -33.02 12.50
CA HIS B 32 22.06 -31.70 12.11
C HIS B 32 23.57 -31.78 11.88
N PRO B 33 24.07 -31.29 10.72
CA PRO B 33 23.41 -30.59 9.61
C PRO B 33 22.65 -31.51 8.67
N SER B 34 22.31 -30.98 7.48
CA SER B 34 21.33 -31.63 6.62
C SER B 34 21.93 -32.71 5.72
N ASP B 35 23.22 -32.65 5.43
CA ASP B 35 23.82 -33.66 4.57
C ASP B 35 23.82 -35.03 5.23
N ILE B 36 23.47 -36.06 4.47
CA ILE B 36 23.28 -37.42 5.00
C ILE B 36 23.01 -38.38 3.85
N GLU B 37 23.42 -39.64 4.00
CA GLU B 37 23.16 -40.65 2.98
C GLU B 37 22.52 -41.87 3.60
N VAL B 38 21.50 -42.39 2.92
CA VAL B 38 20.68 -43.49 3.42
C VAL B 38 20.53 -44.52 2.30
N ASP B 39 20.77 -45.78 2.62
CA ASP B 39 20.50 -46.88 1.70
C ASP B 39 19.56 -47.88 2.38
N LEU B 40 18.70 -48.48 1.58
CA LEU B 40 17.94 -49.65 1.98
C LEU B 40 18.61 -50.90 1.41
N LEU B 41 18.87 -51.89 2.25
CA LEU B 41 19.65 -53.06 1.88
C LEU B 41 18.80 -54.32 1.86
N LYS B 42 19.04 -55.18 0.87
CA LYS B 42 18.43 -56.50 0.77
C LYS B 42 19.53 -57.54 0.84
N ASN B 43 19.60 -58.28 1.94
CA ASN B 43 20.60 -59.33 2.12
C ASN B 43 22.02 -58.79 2.01
N GLY B 44 22.24 -57.58 2.52
CA GLY B 44 23.55 -56.95 2.49
C GLY B 44 23.77 -56.03 1.30
N GLU B 45 23.09 -56.27 0.19
CA GLU B 45 23.27 -55.45 -1.00
C GLU B 45 22.35 -54.24 -0.99
N ARG B 46 22.87 -53.12 -1.48
CA ARG B 46 22.08 -51.90 -1.60
C ARG B 46 21.03 -52.05 -2.68
N ILE B 47 19.78 -51.65 -2.38
CA ILE B 47 18.68 -51.70 -3.33
C ILE B 47 18.69 -50.42 -4.15
N GLU B 48 18.25 -50.52 -5.40
CA GLU B 48 18.38 -49.43 -6.35
C GLU B 48 17.09 -48.66 -6.62
N LYS B 49 15.94 -49.30 -6.45
CA LYS B 49 14.67 -48.66 -6.81
C LYS B 49 14.01 -47.98 -5.61
N VAL B 50 14.75 -47.10 -4.94
CA VAL B 50 14.28 -46.45 -3.72
C VAL B 50 13.85 -45.01 -4.01
N GLU B 51 12.84 -44.56 -3.27
CA GLU B 51 12.31 -43.20 -3.32
C GLU B 51 12.47 -42.52 -1.95
N HIS B 52 12.36 -41.20 -1.94
CA HIS B 52 12.40 -40.49 -0.67
C HIS B 52 11.57 -39.22 -0.77
N SER B 53 11.00 -38.83 0.37
CA SER B 53 10.29 -37.56 0.51
C SER B 53 11.26 -36.39 0.40
N ASP B 54 10.71 -35.19 0.26
CA ASP B 54 11.54 -34.00 0.36
C ASP B 54 12.06 -33.88 1.78
N LEU B 55 13.28 -33.34 1.89
CA LEU B 55 13.86 -33.09 3.22
C LEU B 55 13.09 -31.98 3.92
N SER B 56 12.70 -32.23 5.16
CA SER B 56 11.95 -31.29 5.98
C SER B 56 12.66 -31.11 7.33
N PHE B 57 12.05 -30.35 8.24
CA PHE B 57 12.58 -30.22 9.59
C PHE B 57 11.50 -29.83 10.58
N SER B 58 11.79 -30.04 11.86
CA SER B 58 10.88 -29.79 12.97
C SER B 58 11.11 -28.41 13.58
N LYS B 59 10.30 -28.08 14.59
CA LYS B 59 10.36 -26.74 15.18
C LYS B 59 11.68 -26.50 15.89
N ASP B 60 12.30 -27.56 16.44
CA ASP B 60 13.61 -27.43 17.08
C ASP B 60 14.74 -27.32 16.07
N TRP B 61 14.42 -27.10 14.80
CA TRP B 61 15.31 -26.88 13.67
C TRP B 61 15.98 -28.15 13.15
N SER B 62 15.77 -29.32 13.78
CA SER B 62 16.45 -30.55 13.34
C SER B 62 15.67 -31.23 12.22
N PHE B 63 16.40 -31.87 11.30
CA PHE B 63 15.88 -32.37 10.04
C PHE B 63 15.26 -33.76 10.17
N TYR B 64 14.47 -34.15 9.17
CA TYR B 64 13.95 -35.51 9.05
C TYR B 64 13.70 -35.86 7.59
N LEU B 65 13.61 -37.17 7.33
CA LEU B 65 13.53 -37.74 5.99
C LEU B 65 12.85 -39.10 6.06
N LEU B 66 12.24 -39.50 4.94
CA LEU B 66 11.63 -40.82 4.84
C LEU B 66 12.10 -41.50 3.56
N TYR B 67 12.61 -42.72 3.68
CA TYR B 67 13.01 -43.56 2.55
C TYR B 67 12.10 -44.78 2.47
N TYR B 68 11.64 -45.10 1.27
CA TYR B 68 10.71 -46.21 1.13
C TYR B 68 10.91 -46.92 -0.21
N THR B 69 10.50 -48.18 -0.25
CA THR B 69 10.49 -48.97 -1.47
C THR B 69 9.53 -50.13 -1.28
N GLU B 70 9.04 -50.67 -2.39
CA GLU B 70 8.12 -51.80 -2.34
C GLU B 70 8.89 -53.10 -2.49
N PHE B 71 8.58 -54.04 -1.62
CA PHE B 71 9.22 -55.33 -1.62
C PHE B 71 8.16 -56.42 -1.43
N THR B 72 8.60 -57.67 -1.54
CA THR B 72 7.75 -58.82 -1.28
C THR B 72 8.54 -59.72 -0.33
N PRO B 73 8.37 -59.55 0.97
CA PRO B 73 9.14 -60.34 1.94
C PRO B 73 8.93 -61.82 1.76
N THR B 74 10.02 -62.58 1.91
CA THR B 74 10.00 -64.04 1.93
C THR B 74 10.73 -64.51 3.19
N GLU B 75 10.71 -65.82 3.41
CA GLU B 75 11.44 -66.38 4.54
C GLU B 75 12.95 -66.35 4.31
N LYS B 76 13.38 -66.24 3.06
CA LYS B 76 14.79 -66.36 2.72
C LYS B 76 15.55 -65.04 2.79
N ASP B 77 14.87 -63.90 2.63
CA ASP B 77 15.54 -62.61 2.53
C ASP B 77 15.50 -61.83 3.85
N GLU B 78 16.50 -60.96 4.03
CA GLU B 78 16.61 -60.09 5.20
C GLU B 78 16.88 -58.66 4.73
N TYR B 79 16.24 -57.69 5.37
CA TYR B 79 16.33 -56.30 4.95
C TYR B 79 16.80 -55.44 6.12
N ALA B 80 17.29 -54.23 5.80
CA ALA B 80 17.80 -53.32 6.82
C ALA B 80 18.05 -51.96 6.20
N CYS B 81 18.35 -50.99 7.06
CA CYS B 81 18.60 -49.59 6.68
C CYS B 81 20.01 -49.20 7.12
N ARG B 82 20.72 -48.48 6.26
CA ARG B 82 22.11 -48.15 6.49
C ARG B 82 22.31 -46.66 6.25
N VAL B 83 22.88 -45.97 7.26
CA VAL B 83 22.98 -44.52 7.31
C VAL B 83 24.38 -44.14 7.75
N ASN B 84 24.93 -43.08 7.15
CA ASN B 84 26.18 -42.50 7.65
C ASN B 84 26.09 -40.99 7.61
N HIS B 85 26.32 -40.37 8.75
CA HIS B 85 26.27 -38.93 8.95
C HIS B 85 27.65 -38.43 9.37
N VAL B 86 27.84 -37.12 9.28
CA VAL B 86 29.05 -36.47 9.78
C VAL B 86 29.38 -36.97 11.19
N THR B 87 28.36 -37.06 12.05
CA THR B 87 28.55 -37.42 13.45
C THR B 87 28.82 -38.91 13.66
N LEU B 88 28.91 -39.70 12.60
CA LEU B 88 29.10 -41.13 12.71
C LEU B 88 30.50 -41.51 12.24
N SER B 89 31.20 -42.31 13.05
CA SER B 89 32.54 -42.77 12.71
C SER B 89 32.48 -43.89 11.66
N GLN B 90 31.60 -44.87 11.88
CA GLN B 90 31.26 -45.91 10.92
C GLN B 90 29.79 -45.79 10.53
N PRO B 91 29.42 -46.24 9.32
CA PRO B 91 28.00 -46.25 8.96
C PRO B 91 27.20 -47.18 9.87
N LYS B 92 25.97 -46.78 10.17
CA LYS B 92 25.11 -47.52 11.08
C LYS B 92 24.06 -48.31 10.31
N ILE B 93 23.82 -49.55 10.75
CA ILE B 93 22.88 -50.47 10.13
C ILE B 93 21.83 -50.86 11.16
N VAL B 94 20.56 -50.61 10.85
CA VAL B 94 19.45 -51.04 11.69
C VAL B 94 18.61 -52.02 10.87
N LYS B 95 18.33 -53.18 11.46
CA LYS B 95 17.64 -54.26 10.77
C LYS B 95 16.12 -54.11 10.90
N TRP B 96 15.41 -54.71 9.94
CA TRP B 96 13.95 -54.80 9.96
C TRP B 96 13.53 -56.04 10.77
N ASP B 97 12.76 -55.83 11.82
CA ASP B 97 12.34 -56.92 12.71
C ASP B 97 11.02 -57.47 12.22
N ARG B 98 11.03 -58.73 11.74
CA ARG B 98 9.83 -59.41 11.31
C ARG B 98 9.11 -60.08 12.47
N ASP B 99 9.83 -60.87 13.26
CA ASP B 99 9.29 -61.44 14.50
C ASP B 99 10.16 -61.04 15.69
N ALA C 3 -13.16 -2.59 -7.79
CA ALA C 3 -11.96 -2.14 -7.09
C ALA C 3 -11.93 -0.62 -6.99
N LYS C 4 -13.01 -0.03 -6.50
CA LYS C 4 -13.17 1.42 -6.43
C LYS C 4 -13.57 1.82 -5.00
N THR C 5 -13.65 3.13 -4.78
CA THR C 5 -13.96 3.70 -3.48
C THR C 5 -15.05 4.75 -3.65
N THR C 6 -15.64 5.14 -2.51
CA THR C 6 -16.70 6.16 -2.46
C THR C 6 -16.43 7.10 -1.30
N GLN C 7 -16.49 8.41 -1.55
CA GLN C 7 -16.35 9.42 -0.53
C GLN C 7 -17.46 10.45 -0.65
N PRO C 8 -17.81 11.13 0.44
CA PRO C 8 -18.66 12.31 0.33
C PRO C 8 -18.09 13.31 -0.67
N ASN C 9 -18.97 14.16 -1.19
CA ASN C 9 -18.51 15.17 -2.14
C ASN C 9 -17.93 16.38 -1.41
N SER C 10 -18.54 16.78 -0.29
CA SER C 10 -18.20 18.01 0.41
C SER C 10 -17.98 17.73 1.89
N MET C 11 -17.34 18.68 2.58
CA MET C 11 -17.14 18.59 4.01
C MET C 11 -16.58 19.91 4.53
N GLU C 12 -17.04 20.32 5.70
CA GLU C 12 -16.62 21.58 6.31
C GLU C 12 -16.13 21.31 7.72
N SER C 13 -15.19 22.14 8.17
CA SER C 13 -14.54 21.96 9.46
C SER C 13 -13.93 23.28 9.87
N ASN C 14 -13.85 23.52 11.17
CA ASN C 14 -13.32 24.78 11.70
C ASN C 14 -11.85 24.65 12.04
N GLU C 15 -11.12 25.75 11.87
CA GLU C 15 -9.67 25.73 11.99
C GLU C 15 -9.24 25.36 13.41
N GLU C 16 -8.04 24.75 13.52
CA GLU C 16 -7.41 24.37 14.79
C GLU C 16 -8.18 23.23 15.48
N GLU C 17 -8.69 22.30 14.68
CA GLU C 17 -9.42 21.14 15.18
C GLU C 17 -9.05 19.95 14.30
N PRO C 18 -9.15 18.73 14.84
CA PRO C 18 -8.98 17.53 14.00
C PRO C 18 -10.22 17.27 13.15
N VAL C 19 -9.98 16.66 11.98
CA VAL C 19 -11.01 16.38 10.98
C VAL C 19 -11.02 14.88 10.68
N HIS C 20 -12.21 14.34 10.42
CA HIS C 20 -12.38 12.92 10.07
C HIS C 20 -13.02 12.82 8.69
N LEU C 21 -12.25 12.37 7.69
CA LEU C 21 -12.75 12.27 6.32
C LEU C 21 -12.98 10.82 5.96
N PRO C 22 -14.20 10.40 5.68
CA PRO C 22 -14.50 8.97 5.50
C PRO C 22 -14.36 8.51 4.06
N CYS C 23 -14.20 7.19 3.91
CA CYS C 23 -14.08 6.52 2.62
C CYS C 23 -14.63 5.11 2.76
N ASN C 24 -15.35 4.65 1.74
CA ASN C 24 -15.96 3.33 1.72
C ASN C 24 -15.40 2.51 0.57
N HIS C 25 -15.20 1.22 0.82
CA HIS C 25 -14.73 0.29 -0.20
C HIS C 25 -15.13 -1.14 0.19
N SER C 26 -16.40 -1.48 -0.05
CA SER C 26 -16.94 -2.76 0.42
C SER C 26 -16.29 -3.96 -0.27
N THR C 27 -15.78 -3.78 -1.49
CA THR C 27 -15.25 -4.90 -2.28
C THR C 27 -13.72 -4.95 -2.25
N ILE C 28 -13.13 -4.77 -1.09
CA ILE C 28 -11.68 -4.77 -0.93
C ILE C 28 -11.17 -6.19 -0.78
N SER C 29 -9.94 -6.43 -1.24
CA SER C 29 -9.31 -7.73 -1.10
C SER C 29 -8.08 -7.63 -0.19
N GLY C 30 -7.69 -8.79 0.34
CA GLY C 30 -6.60 -8.86 1.31
C GLY C 30 -5.27 -8.36 0.81
N THR C 31 -5.11 -8.18 -0.50
CA THR C 31 -3.84 -7.75 -1.08
C THR C 31 -3.90 -6.32 -1.64
N ASP C 32 -4.92 -5.55 -1.28
CA ASP C 32 -5.06 -4.18 -1.77
C ASP C 32 -4.57 -3.18 -0.72
N TYR C 33 -3.65 -2.31 -1.14
CA TYR C 33 -3.27 -1.18 -0.32
C TYR C 33 -4.34 -0.09 -0.38
N ILE C 34 -4.28 0.83 0.58
CA ILE C 34 -5.16 1.99 0.66
C ILE C 34 -4.29 3.25 0.70
N HIS C 35 -4.44 4.12 -0.30
CA HIS C 35 -3.68 5.36 -0.43
C HIS C 35 -4.60 6.56 -0.26
N TRP C 36 -4.04 7.66 0.24
CA TRP C 36 -4.72 8.95 0.29
C TRP C 36 -3.83 10.00 -0.34
N TYR C 37 -4.41 10.80 -1.25
CA TYR C 37 -3.73 11.92 -1.89
C TYR C 37 -4.58 13.17 -1.74
N ARG C 38 -3.91 14.33 -1.63
CA ARG C 38 -4.60 15.62 -1.56
C ARG C 38 -4.07 16.56 -2.63
N GLN C 39 -4.92 17.52 -3.02
CA GLN C 39 -4.57 18.47 -4.08
C GLN C 39 -5.11 19.84 -3.72
N LEU C 40 -4.22 20.84 -3.68
CA LEU C 40 -4.61 22.22 -3.44
C LEU C 40 -4.99 22.90 -4.75
N PRO C 41 -5.77 24.01 -4.69
CA PRO C 41 -6.42 24.55 -5.90
C PRO C 41 -5.60 24.58 -7.18
N SER C 42 -4.46 25.26 -7.19
CA SER C 42 -3.75 25.49 -8.44
C SER C 42 -2.46 24.69 -8.56
N GLN C 43 -2.34 23.59 -7.83
CA GLN C 43 -1.14 22.77 -7.83
C GLN C 43 -1.48 21.36 -8.28
N GLY C 44 -0.49 20.48 -8.22
CA GLY C 44 -0.69 19.08 -8.45
C GLY C 44 -0.74 18.30 -7.16
N PRO C 45 -1.41 17.12 -7.18
CA PRO C 45 -1.62 16.34 -5.95
C PRO C 45 -0.34 15.93 -5.23
N GLU C 46 -0.48 15.29 -4.07
CA GLU C 46 0.68 14.83 -3.30
C GLU C 46 0.26 13.71 -2.36
N TYR C 47 1.04 12.63 -2.35
CA TYR C 47 0.81 11.51 -1.43
C TYR C 47 0.76 12.01 0.00
N VAL C 48 -0.17 11.45 0.79
CA VAL C 48 -0.33 11.80 2.19
C VAL C 48 0.04 10.65 3.11
N ILE C 49 -0.56 9.44 2.84
CA ILE C 49 -0.34 8.29 3.71
C ILE C 49 -0.86 7.07 2.96
N HIS C 50 -0.48 5.88 3.45
CA HIS C 50 -1.01 4.64 2.90
C HIS C 50 -0.93 3.58 3.98
N GLY C 51 -1.77 2.55 3.82
CA GLY C 51 -1.75 1.43 4.73
C GLY C 51 -2.27 0.18 4.06
N LEU C 52 -2.12 -0.94 4.77
CA LEU C 52 -2.60 -2.22 4.27
C LEU C 52 -3.53 -2.88 5.27
N THR C 53 -3.05 -3.23 6.47
CA THR C 53 -3.88 -3.92 7.44
C THR C 53 -3.83 -3.34 8.85
N SER C 54 -2.86 -2.51 9.19
CA SER C 54 -2.80 -1.92 10.52
C SER C 54 -3.00 -0.42 10.42
N ASN C 55 -3.37 0.18 11.55
CA ASN C 55 -3.50 1.64 11.60
C ASN C 55 -2.12 2.28 11.49
N VAL C 56 -2.10 3.51 10.94
CA VAL C 56 -0.87 4.18 10.52
C VAL C 56 -0.87 5.59 11.09
N ASN C 57 0.32 6.07 11.47
CA ASN C 57 0.49 7.39 12.06
C ASN C 57 1.66 8.11 11.42
N ASN C 58 1.44 9.35 11.00
CA ASN C 58 2.50 10.20 10.46
C ASN C 58 2.63 11.44 11.32
N ARG C 59 3.24 12.50 10.79
CA ARG C 59 3.35 13.74 11.57
C ARG C 59 2.06 14.55 11.51
N MET C 60 1.43 14.62 10.34
CA MET C 60 0.23 15.45 10.16
C MET C 60 -1.07 14.66 10.20
N ALA C 61 -1.06 13.40 9.76
CA ALA C 61 -2.29 12.65 9.59
C ALA C 61 -2.08 11.19 9.95
N SER C 62 -3.18 10.54 10.31
CA SER C 62 -3.21 9.11 10.61
C SER C 62 -4.24 8.43 9.73
N LEU C 63 -4.04 7.14 9.52
CA LEU C 63 -5.02 6.30 8.82
C LEU C 63 -5.61 5.29 9.79
N ALA C 64 -6.94 5.13 9.73
CA ALA C 64 -7.68 4.28 10.65
C ALA C 64 -8.54 3.33 9.84
N ILE C 65 -8.18 2.04 9.85
CA ILE C 65 -8.88 1.01 9.10
C ILE C 65 -9.89 0.33 10.02
N ALA C 66 -11.12 0.20 9.52
CA ALA C 66 -12.12 -0.61 10.20
C ALA C 66 -11.71 -2.09 10.17
N GLU C 67 -12.16 -2.85 11.17
CA GLU C 67 -11.67 -4.21 11.31
C GLU C 67 -12.17 -5.12 10.19
N ASP C 68 -13.39 -4.89 9.72
CA ASP C 68 -13.89 -5.63 8.57
C ASP C 68 -13.33 -5.12 7.24
N ARG C 69 -12.49 -4.09 7.28
CA ARG C 69 -11.72 -3.55 6.16
C ARG C 69 -12.59 -2.97 5.03
N LYS C 70 -13.90 -2.90 5.19
CA LYS C 70 -14.78 -2.36 4.15
C LYS C 70 -14.94 -0.85 4.23
N SER C 71 -14.34 -0.19 5.21
CA SER C 71 -14.34 1.27 5.27
C SER C 71 -13.11 1.73 6.06
N SER C 72 -12.79 3.01 5.95
CA SER C 72 -11.61 3.59 6.58
C SER C 72 -11.82 5.10 6.79
N THR C 73 -10.78 5.75 7.31
CA THR C 73 -10.88 7.15 7.73
C THR C 73 -9.50 7.79 7.71
N LEU C 74 -9.40 8.98 7.13
CA LEU C 74 -8.19 9.79 7.15
C LEU C 74 -8.35 10.90 8.17
N ILE C 75 -7.49 10.92 9.18
CA ILE C 75 -7.60 11.86 10.31
C ILE C 75 -6.50 12.90 10.19
N LEU C 76 -6.90 14.16 10.06
CA LEU C 76 -5.97 15.29 10.16
C LEU C 76 -5.95 15.71 11.62
N HIS C 77 -4.74 15.75 12.21
CA HIS C 77 -4.61 15.94 13.65
C HIS C 77 -5.01 17.36 14.06
N ARG C 78 -4.61 18.36 13.28
CA ARG C 78 -4.91 19.75 13.57
C ARG C 78 -5.02 20.50 12.24
N ALA C 79 -6.23 20.91 11.87
CA ALA C 79 -6.45 21.53 10.56
C ALA C 79 -6.31 23.04 10.65
N THR C 80 -5.58 23.62 9.71
CA THR C 80 -5.45 25.05 9.58
C THR C 80 -6.04 25.47 8.24
N LEU C 81 -6.11 26.79 7.99
CA LEU C 81 -6.71 27.27 6.76
C LEU C 81 -6.06 26.67 5.53
N ARG C 82 -4.76 26.35 5.62
CA ARG C 82 -3.98 25.86 4.49
C ARG C 82 -4.38 24.45 4.07
N ASP C 83 -4.99 23.68 4.95
CA ASP C 83 -5.37 22.31 4.64
C ASP C 83 -6.62 22.21 3.77
N ALA C 84 -7.21 23.34 3.36
CA ALA C 84 -8.33 23.31 2.43
C ALA C 84 -7.85 22.79 1.08
N ALA C 85 -8.43 21.67 0.65
CA ALA C 85 -7.98 20.99 -0.55
C ALA C 85 -8.98 19.88 -0.87
N VAL C 86 -8.75 19.20 -1.99
CA VAL C 86 -9.52 18.01 -2.35
C VAL C 86 -8.71 16.78 -1.93
N TYR C 87 -9.38 15.83 -1.29
CA TYR C 87 -8.72 14.64 -0.75
C TYR C 87 -9.25 13.40 -1.48
N TYR C 88 -8.32 12.64 -2.09
CA TYR C 88 -8.67 11.45 -2.88
C TYR C 88 -8.34 10.18 -2.09
N CYS C 89 -9.29 9.24 -2.08
CA CYS C 89 -9.13 7.92 -1.47
C CYS C 89 -9.05 6.89 -2.58
N ILE C 90 -7.96 6.14 -2.63
CA ILE C 90 -7.58 5.33 -3.79
C ILE C 90 -7.19 3.92 -3.31
N LEU C 91 -7.57 2.91 -4.09
CA LEU C 91 -7.08 1.55 -3.90
C LEU C 91 -5.93 1.25 -4.85
N ARG C 92 -4.96 0.47 -4.37
CA ARG C 92 -3.81 0.07 -5.17
C ARG C 92 -3.58 -1.42 -4.99
N ASP C 93 -3.46 -2.14 -6.10
CA ASP C 93 -3.33 -3.59 -6.06
C ASP C 93 -1.89 -3.98 -5.68
N GLY C 94 -1.77 -4.78 -4.62
CA GLY C 94 -0.45 -5.13 -4.11
C GLY C 94 0.36 -6.01 -5.05
N TRP C 95 -0.32 -6.81 -5.87
CA TRP C 95 0.38 -7.57 -6.90
C TRP C 95 1.03 -6.65 -7.92
N GLY C 96 0.39 -5.52 -8.22
CA GLY C 96 0.79 -4.68 -9.33
C GLY C 96 0.44 -5.32 -10.66
N GLY C 97 -0.85 -5.39 -10.96
CA GLY C 97 -1.31 -6.02 -12.19
C GLY C 97 -1.79 -5.03 -13.23
N THR C 98 -2.97 -4.46 -13.02
CA THR C 98 -3.50 -3.43 -13.92
C THR C 98 -2.97 -2.07 -13.50
N TYR C 99 -2.39 -1.34 -14.46
CA TYR C 99 -1.79 -0.06 -14.17
C TYR C 99 -2.64 1.09 -14.72
N LYS C 100 -3.94 0.85 -14.86
CA LYS C 100 -4.90 1.93 -15.01
C LYS C 100 -5.10 2.51 -13.60
N TYR C 101 -4.15 3.34 -13.19
CA TYR C 101 -4.21 4.05 -11.91
C TYR C 101 -5.11 5.26 -12.11
N ILE C 102 -6.36 5.16 -11.70
CA ILE C 102 -7.37 6.19 -11.99
C ILE C 102 -7.88 6.77 -10.68
N PHE C 103 -8.03 8.09 -10.66
CA PHE C 103 -8.53 8.80 -9.49
C PHE C 103 -10.04 8.96 -9.57
N GLY C 104 -10.67 9.00 -8.40
CA GLY C 104 -12.09 9.29 -8.29
C GLY C 104 -12.38 10.77 -8.31
N THR C 105 -13.43 11.15 -7.59
CA THR C 105 -13.87 12.53 -7.55
C THR C 105 -13.59 13.22 -6.22
N GLY C 106 -13.30 12.47 -5.17
CA GLY C 106 -12.74 13.03 -3.94
C GLY C 106 -13.75 13.72 -3.04
N THR C 107 -13.26 14.16 -1.88
CA THR C 107 -14.00 14.98 -0.94
C THR C 107 -13.35 16.36 -0.90
N ARG C 108 -14.16 17.42 -1.03
CA ARG C 108 -13.65 18.79 -0.96
C ARG C 108 -13.81 19.30 0.46
N LEU C 109 -12.70 19.63 1.10
CA LEU C 109 -12.70 20.11 2.49
C LEU C 109 -12.63 21.62 2.49
N LYS C 110 -13.53 22.24 3.25
CA LYS C 110 -13.54 23.68 3.43
C LYS C 110 -13.15 23.95 4.89
N VAL C 111 -12.23 24.88 5.11
CA VAL C 111 -11.73 25.17 6.44
C VAL C 111 -12.14 26.59 6.80
N LEU C 112 -13.06 26.71 7.75
CA LEU C 112 -13.63 27.98 8.18
C LEU C 112 -12.75 28.65 9.24
N ALA C 113 -12.87 29.96 9.33
CA ALA C 113 -12.09 30.74 10.29
C ALA C 113 -12.95 31.13 11.49
N ASN C 114 -12.36 31.06 12.68
CA ASN C 114 -13.07 31.38 13.92
C ASN C 114 -13.02 32.89 14.13
N ILE C 115 -14.16 33.55 13.95
CA ILE C 115 -14.24 35.01 14.08
C ILE C 115 -14.62 35.34 15.51
N GLN C 116 -13.66 35.89 16.27
CA GLN C 116 -13.90 36.13 17.68
C GLN C 116 -15.05 37.11 17.91
N ASN C 117 -15.15 38.15 17.08
CA ASN C 117 -16.09 39.26 17.31
C ASN C 117 -16.69 39.73 15.99
N PRO C 118 -17.73 39.05 15.51
CA PRO C 118 -18.33 39.43 14.22
C PRO C 118 -18.88 40.85 14.25
N ASP C 119 -18.88 41.48 13.08
CA ASP C 119 -19.23 42.88 12.93
C ASP C 119 -19.61 43.17 11.48
N PRO C 120 -20.61 42.50 10.92
CA PRO C 120 -20.85 42.59 9.47
C PRO C 120 -21.28 43.99 9.03
N ALA C 121 -20.66 44.46 7.95
CA ALA C 121 -20.91 45.77 7.38
C ALA C 121 -20.61 45.73 5.89
N VAL C 122 -21.19 46.68 5.14
CA VAL C 122 -20.94 46.86 3.72
C VAL C 122 -20.48 48.29 3.49
N TYR C 123 -19.20 48.45 3.13
CA TYR C 123 -18.60 49.76 2.94
C TYR C 123 -18.46 50.08 1.45
N GLN C 124 -18.30 51.36 1.15
CA GLN C 124 -18.11 51.81 -0.22
C GLN C 124 -16.73 52.44 -0.39
N LEU C 125 -16.04 52.07 -1.48
CA LEU C 125 -14.71 52.57 -1.79
C LEU C 125 -14.75 53.31 -3.11
N ARG C 126 -14.21 54.52 -3.14
CA ARG C 126 -14.06 55.24 -4.40
C ARG C 126 -12.72 54.88 -5.04
N ASP C 127 -12.54 55.27 -6.30
CA ASP C 127 -11.32 54.90 -6.98
C ASP C 127 -10.24 55.95 -6.74
N SER C 128 -8.99 55.50 -6.88
CA SER C 128 -7.76 56.23 -6.56
C SER C 128 -7.54 57.40 -7.53
N LYS C 129 -8.27 58.49 -7.28
CA LYS C 129 -8.10 59.76 -8.01
C LYS C 129 -8.01 59.55 -9.52
N SER C 130 -8.97 58.81 -10.04
CA SER C 130 -8.89 58.41 -11.43
C SER C 130 -10.22 58.60 -12.11
N SER C 131 -11.31 58.19 -11.43
CA SER C 131 -12.62 58.26 -12.05
C SER C 131 -13.69 58.31 -10.94
N ASP C 132 -14.90 57.87 -11.27
CA ASP C 132 -15.97 57.67 -10.29
C ASP C 132 -16.31 56.20 -10.07
N LYS C 133 -15.40 55.29 -10.45
CA LYS C 133 -15.64 53.88 -10.25
C LYS C 133 -15.86 53.58 -8.77
N SER C 134 -16.78 52.66 -8.49
CA SER C 134 -17.14 52.33 -7.12
C SER C 134 -17.19 50.83 -6.93
N VAL C 135 -16.56 50.35 -5.87
CA VAL C 135 -16.71 48.97 -5.43
C VAL C 135 -17.43 48.99 -4.08
N CYS C 136 -18.07 47.86 -3.77
CA CYS C 136 -18.73 47.65 -2.49
C CYS C 136 -18.08 46.46 -1.79
N LEU C 137 -17.80 46.62 -0.50
CA LEU C 137 -17.03 45.64 0.27
C LEU C 137 -17.88 45.12 1.42
N PHE C 138 -18.28 43.85 1.35
CA PHE C 138 -18.97 43.17 2.44
C PHE C 138 -17.93 42.44 3.28
N THR C 139 -17.88 42.74 4.59
CA THR C 139 -16.75 42.25 5.40
C THR C 139 -17.13 42.10 6.88
N ASP C 140 -16.27 41.36 7.60
CA ASP C 140 -16.30 41.20 9.05
C ASP C 140 -17.45 40.33 9.55
N PHE C 141 -18.04 39.51 8.70
CA PHE C 141 -19.10 38.62 9.14
C PHE C 141 -18.55 37.26 9.62
N ASP C 142 -19.40 36.50 10.30
CA ASP C 142 -19.01 35.19 10.80
C ASP C 142 -18.91 34.20 9.65
N SER C 143 -18.03 33.20 9.80
CA SER C 143 -17.78 32.24 8.75
C SER C 143 -19.01 31.41 8.39
N GLN C 144 -20.07 31.48 9.21
CA GLN C 144 -21.29 30.76 8.91
C GLN C 144 -21.96 31.28 7.64
N THR C 145 -21.81 32.57 7.34
CA THR C 145 -22.52 33.18 6.22
C THR C 145 -21.91 32.76 4.88
N ASN C 146 -22.78 32.55 3.89
CA ASN C 146 -22.37 32.22 2.53
C ASN C 146 -22.86 33.30 1.59
N VAL C 147 -22.07 33.62 0.58
CA VAL C 147 -22.32 34.73 -0.33
C VAL C 147 -22.71 34.17 -1.69
N SER C 148 -23.87 34.59 -2.18
CA SER C 148 -24.40 34.15 -3.47
C SER C 148 -24.18 35.22 -4.53
N GLN C 149 -24.36 34.82 -5.79
CA GLN C 149 -24.23 35.70 -6.94
C GLN C 149 -25.58 36.37 -7.24
N SER C 150 -25.52 37.53 -7.90
CA SER C 150 -26.70 38.33 -8.16
C SER C 150 -27.52 37.77 -9.34
N LYS C 151 -28.81 38.14 -9.35
CA LYS C 151 -29.66 37.76 -10.47
C LYS C 151 -29.26 38.50 -11.74
N ASP C 152 -28.82 39.75 -11.62
CA ASP C 152 -28.35 40.51 -12.78
C ASP C 152 -27.03 39.96 -13.27
N SER C 153 -26.77 40.14 -14.57
CA SER C 153 -25.56 39.63 -15.20
C SER C 153 -24.46 40.69 -15.34
N ASP C 154 -24.81 41.97 -15.32
CA ASP C 154 -23.84 43.05 -15.49
C ASP C 154 -23.19 43.47 -14.18
N VAL C 155 -23.56 42.87 -13.06
CA VAL C 155 -22.95 43.15 -11.76
C VAL C 155 -22.20 41.92 -11.29
N TYR C 156 -20.93 42.09 -10.93
CA TYR C 156 -20.02 41.01 -10.62
C TYR C 156 -19.80 40.91 -9.12
N ILE C 157 -19.71 39.66 -8.62
CA ILE C 157 -19.63 39.40 -7.19
C ILE C 157 -18.65 38.26 -6.96
N THR C 158 -17.60 38.49 -6.18
CA THR C 158 -16.60 37.48 -5.87
C THR C 158 -17.13 36.52 -4.80
N ASP C 159 -16.26 35.67 -4.29
CA ASP C 159 -16.59 34.81 -3.16
C ASP C 159 -15.76 35.19 -1.95
N LYS C 160 -16.15 34.65 -0.80
CA LYS C 160 -15.49 34.97 0.46
C LYS C 160 -13.99 34.73 0.39
N CYS C 161 -13.24 35.52 1.15
CA CYS C 161 -11.78 35.49 1.14
C CYS C 161 -11.31 35.86 2.54
N VAL C 162 -10.51 35.00 3.15
CA VAL C 162 -10.04 35.20 4.52
C VAL C 162 -8.62 35.77 4.48
N LEU C 163 -8.44 36.95 5.06
CA LEU C 163 -7.11 37.52 5.26
C LEU C 163 -6.69 37.38 6.72
N ASP C 164 -5.38 37.35 6.95
CA ASP C 164 -4.79 37.06 8.25
C ASP C 164 -3.73 38.11 8.56
N MET C 165 -4.02 39.00 9.51
CA MET C 165 -3.10 40.10 9.80
C MET C 165 -1.98 39.72 10.77
N ARG C 166 -2.11 38.63 11.53
CA ARG C 166 -0.99 37.99 12.23
C ARG C 166 -0.39 38.83 13.36
N SER C 167 0.17 40.00 13.03
CA SER C 167 0.76 40.87 14.05
C SER C 167 -0.27 41.30 15.08
N MET C 168 -1.55 41.34 14.70
CA MET C 168 -2.65 41.63 15.62
C MET C 168 -3.46 40.39 15.97
N ASP C 169 -3.02 39.20 15.54
CA ASP C 169 -3.83 37.99 15.58
C ASP C 169 -5.30 38.32 15.28
N PHE C 170 -5.61 38.53 14.01
CA PHE C 170 -6.96 38.92 13.60
C PHE C 170 -7.16 38.36 12.21
N LYS C 171 -8.24 37.62 12.03
CA LYS C 171 -8.68 37.15 10.72
C LYS C 171 -10.06 37.72 10.43
N SER C 172 -10.39 37.83 9.14
CA SER C 172 -11.70 38.31 8.73
C SER C 172 -11.99 37.82 7.34
N ASN C 173 -13.29 37.73 7.03
CA ASN C 173 -13.84 37.38 5.72
C ASN C 173 -14.27 38.65 4.97
N SER C 174 -14.32 38.54 3.64
CA SER C 174 -14.75 39.66 2.82
C SER C 174 -15.14 39.18 1.44
N ALA C 175 -16.13 39.85 0.84
CA ALA C 175 -16.48 39.70 -0.56
C ALA C 175 -16.58 41.08 -1.20
N VAL C 176 -16.47 41.13 -2.53
CA VAL C 176 -16.40 42.38 -3.26
C VAL C 176 -17.41 42.33 -4.41
N ALA C 177 -17.96 43.51 -4.74
CA ALA C 177 -18.92 43.64 -5.83
C ALA C 177 -18.76 44.99 -6.50
N TRP C 178 -18.93 45.01 -7.83
CA TRP C 178 -18.81 46.23 -8.60
C TRP C 178 -19.68 46.13 -9.85
N SER C 179 -19.85 47.26 -10.53
CA SER C 179 -20.62 47.34 -11.76
C SER C 179 -20.50 48.74 -12.35
N ASN C 180 -20.87 48.85 -13.63
CA ASN C 180 -20.96 50.15 -14.29
C ASN C 180 -22.38 50.69 -14.35
N LYS C 181 -23.38 49.84 -14.12
CA LYS C 181 -24.78 50.22 -14.28
C LYS C 181 -25.12 51.43 -13.42
N SER C 182 -26.16 52.16 -13.86
CA SER C 182 -26.51 53.42 -13.22
C SER C 182 -27.15 53.20 -11.86
N ASP C 183 -28.14 52.30 -11.79
CA ASP C 183 -28.90 51.97 -10.59
C ASP C 183 -28.09 51.20 -9.52
N PHE C 184 -26.78 51.01 -9.72
CA PHE C 184 -26.00 50.17 -8.81
C PHE C 184 -25.58 50.95 -7.58
N ALA C 185 -25.88 50.39 -6.40
CA ALA C 185 -25.49 50.99 -5.13
C ALA C 185 -25.20 49.89 -4.12
N CYS C 186 -24.41 50.23 -3.10
CA CYS C 186 -24.03 49.23 -2.10
C CYS C 186 -25.21 48.78 -1.26
N ALA C 187 -26.34 49.51 -1.30
CA ALA C 187 -27.48 49.14 -0.47
C ALA C 187 -28.23 47.94 -1.05
N ASN C 188 -28.12 47.72 -2.35
CA ASN C 188 -28.84 46.65 -3.01
C ASN C 188 -27.93 45.59 -3.63
N ALA C 189 -26.62 45.81 -3.63
CA ALA C 189 -25.70 44.99 -4.42
C ALA C 189 -25.64 43.54 -3.95
N PHE C 190 -26.01 43.26 -2.71
CA PHE C 190 -26.08 41.90 -2.19
C PHE C 190 -27.53 41.53 -1.89
N ASN C 191 -27.84 40.24 -2.00
CA ASN C 191 -29.22 39.79 -1.80
C ASN C 191 -29.61 39.89 -0.33
N ASN C 192 -30.81 40.40 -0.08
CA ASN C 192 -31.29 40.60 1.30
C ASN C 192 -31.18 39.32 2.12
N SER C 193 -31.38 38.15 1.49
CA SER C 193 -31.42 36.88 2.21
C SER C 193 -30.05 36.50 2.79
N ILE C 194 -28.97 36.85 2.10
CA ILE C 194 -27.64 36.41 2.52
C ILE C 194 -27.00 37.40 3.49
N ILE C 195 -27.81 38.22 4.16
CA ILE C 195 -27.32 39.34 4.94
C ILE C 195 -27.88 39.24 6.36
N PRO C 196 -27.05 39.35 7.40
CA PRO C 196 -27.59 39.40 8.76
C PRO C 196 -28.49 40.61 8.96
N GLU C 197 -29.36 40.51 9.97
CA GLU C 197 -30.33 41.57 10.21
C GLU C 197 -29.69 42.81 10.81
N ASP C 198 -28.58 42.64 11.54
CA ASP C 198 -27.87 43.73 12.19
C ASP C 198 -26.75 44.29 11.34
N THR C 199 -26.64 43.88 10.07
CA THR C 199 -25.58 44.37 9.20
C THR C 199 -25.57 45.89 9.14
N PHE C 200 -24.37 46.47 9.21
CA PHE C 200 -24.16 47.91 9.27
C PHE C 200 -24.08 48.44 7.84
N PHE C 201 -25.05 49.29 7.48
CA PHE C 201 -24.99 50.06 6.24
C PHE C 201 -24.74 51.52 6.60
N PRO C 202 -23.56 52.06 6.31
CA PRO C 202 -23.22 53.43 6.72
C PRO C 202 -23.84 54.47 5.80
N SER C 203 -23.62 55.74 6.17
CA SER C 203 -24.14 56.89 5.43
C SER C 203 -23.68 56.84 3.97
N PRO C 204 -24.59 56.91 3.00
CA PRO C 204 -24.17 56.94 1.60
C PRO C 204 -23.70 58.33 1.19
N GLU C 205 -23.56 59.22 2.18
CA GLU C 205 -23.05 60.55 1.90
C GLU C 205 -21.62 60.47 1.39
N SER C 206 -20.74 59.86 2.18
CA SER C 206 -19.33 59.71 1.83
C SER C 206 -18.69 61.05 1.48
N SER C 207 -18.99 62.05 2.30
CA SER C 207 -18.53 63.42 2.09
C SER C 207 -18.89 63.93 0.69
N GLY D 3 13.52 19.31 -7.49
CA GLY D 3 13.30 18.99 -8.89
C GLY D 3 12.16 18.01 -9.10
N GLY D 4 12.42 16.73 -8.83
CA GLY D 4 11.45 15.71 -9.11
C GLY D 4 11.05 15.70 -10.57
N ILE D 5 9.80 16.06 -10.85
CA ILE D 5 9.30 16.22 -12.21
C ILE D 5 9.34 17.70 -12.55
N THR D 6 9.65 18.02 -13.81
CA THR D 6 9.68 19.41 -14.26
C THR D 6 8.87 19.54 -15.55
N GLN D 7 7.65 20.05 -15.42
CA GLN D 7 6.89 20.51 -16.57
C GLN D 7 7.25 21.98 -16.82
N SER D 8 7.37 22.34 -18.09
CA SER D 8 7.67 23.73 -18.44
C SER D 8 7.05 24.09 -19.78
N PRO D 9 6.48 25.30 -19.87
CA PRO D 9 6.46 26.30 -18.80
C PRO D 9 5.17 26.28 -17.98
N LYS D 10 5.05 27.22 -17.03
CA LYS D 10 3.82 27.30 -16.23
C LYS D 10 2.62 27.61 -17.10
N TYR D 11 2.75 28.60 -17.98
CA TYR D 11 1.66 29.02 -18.86
C TYR D 11 2.05 28.80 -20.32
N LEU D 12 1.06 28.45 -21.14
CA LEU D 12 1.25 28.24 -22.57
C LEU D 12 -0.07 28.52 -23.28
N PHE D 13 0.00 29.18 -24.44
CA PHE D 13 -1.21 29.73 -25.06
C PHE D 13 -1.52 29.16 -26.45
N ARG D 14 -0.82 29.63 -27.48
CA ARG D 14 -1.01 29.18 -28.85
C ARG D 14 -2.41 29.50 -29.39
N LYS D 15 -2.70 29.04 -30.61
CA LYS D 15 -3.99 29.28 -31.28
C LYS D 15 -4.50 27.97 -31.85
N GLU D 16 -5.77 27.96 -32.27
CA GLU D 16 -6.35 26.75 -32.84
C GLU D 16 -5.68 26.44 -34.18
N GLY D 17 -5.29 25.18 -34.38
CA GLY D 17 -4.49 24.80 -35.53
C GLY D 17 -3.00 25.04 -35.38
N GLN D 18 -2.59 25.99 -34.55
CA GLN D 18 -1.17 26.27 -34.27
C GLN D 18 -0.70 25.47 -33.05
N ASN D 19 -0.89 24.13 -33.11
CA ASN D 19 -0.95 23.32 -31.90
C ASN D 19 0.44 22.89 -31.47
N VAL D 20 0.54 21.96 -30.52
CA VAL D 20 1.72 21.86 -29.68
C VAL D 20 1.94 20.44 -29.18
N THR D 21 3.20 20.16 -28.85
CA THR D 21 3.63 19.06 -28.01
C THR D 21 4.21 19.61 -26.72
N LEU D 22 4.06 18.87 -25.62
CA LEU D 22 4.40 19.39 -24.30
C LEU D 22 5.28 18.43 -23.50
N SER D 23 6.06 19.01 -22.60
CA SER D 23 7.15 18.35 -21.88
C SER D 23 6.66 17.60 -20.65
N CYS D 24 7.56 16.77 -20.12
CA CYS D 24 7.54 16.19 -18.77
C CYS D 24 8.83 15.42 -18.58
N GLU D 25 9.71 15.91 -17.72
CA GLU D 25 11.06 15.36 -17.59
C GLU D 25 11.33 14.91 -16.16
N GLN D 26 12.08 13.82 -16.03
CA GLN D 26 12.13 13.02 -14.82
C GLN D 26 13.54 13.01 -14.24
N ASN D 27 13.64 13.32 -12.94
CA ASN D 27 14.94 13.41 -12.27
C ASN D 27 15.46 12.04 -11.84
N LEU D 28 14.76 11.38 -10.92
CA LEU D 28 15.15 10.04 -10.47
C LEU D 28 14.78 9.02 -11.54
N ASN D 29 14.82 7.74 -11.19
CA ASN D 29 14.68 6.66 -12.16
C ASN D 29 13.42 5.84 -11.84
N HIS D 30 12.44 5.89 -12.73
CA HIS D 30 11.17 5.19 -12.54
C HIS D 30 10.66 4.70 -13.88
N ASP D 31 10.09 3.50 -13.89
CA ASP D 31 9.71 2.87 -15.16
C ASP D 31 8.40 3.42 -15.72
N ALA D 32 7.45 3.79 -14.85
CA ALA D 32 6.09 4.13 -15.26
C ALA D 32 5.84 5.63 -15.20
N MET D 33 5.11 6.14 -16.18
CA MET D 33 4.71 7.54 -16.23
C MET D 33 3.26 7.63 -16.68
N TYR D 34 2.58 8.69 -16.25
CA TYR D 34 1.16 8.88 -16.49
C TYR D 34 0.89 10.30 -16.96
N TRP D 35 -0.20 10.48 -17.70
CA TRP D 35 -0.64 11.80 -18.16
C TRP D 35 -2.08 12.04 -17.73
N TYR D 36 -2.26 12.95 -16.79
CA TYR D 36 -3.58 13.31 -16.28
C TYR D 36 -4.00 14.66 -16.84
N ARG D 37 -5.25 15.00 -16.56
CA ARG D 37 -5.92 16.06 -17.29
C ARG D 37 -7.11 16.52 -16.46
N GLN D 38 -7.22 17.83 -16.24
CA GLN D 38 -8.17 18.34 -15.27
C GLN D 38 -8.80 19.64 -15.74
N ASP D 39 -10.10 19.75 -15.51
CA ASP D 39 -10.89 20.95 -15.77
C ASP D 39 -11.35 21.58 -14.46
N PRO D 40 -11.71 22.87 -14.46
CA PRO D 40 -12.08 23.55 -13.21
C PRO D 40 -13.18 22.82 -12.45
N GLY D 41 -12.92 22.57 -11.16
CA GLY D 41 -13.85 21.88 -10.30
C GLY D 41 -14.09 20.43 -10.64
N GLN D 42 -13.21 19.83 -11.43
CA GLN D 42 -13.38 18.46 -11.92
C GLN D 42 -12.25 17.58 -11.42
N GLY D 43 -12.47 16.26 -11.48
CA GLY D 43 -11.48 15.30 -11.07
C GLY D 43 -10.38 15.13 -12.11
N LEU D 44 -9.41 14.29 -11.76
CA LEU D 44 -8.30 13.96 -12.66
C LEU D 44 -8.72 12.80 -13.57
N ARG D 45 -8.59 13.01 -14.87
CA ARG D 45 -8.87 11.99 -15.86
C ARG D 45 -7.57 11.55 -16.53
N LEU D 46 -7.52 10.28 -16.93
CA LEU D 46 -6.30 9.65 -17.41
C LEU D 46 -6.25 9.67 -18.94
N ILE D 47 -5.19 10.24 -19.50
CA ILE D 47 -5.01 10.26 -20.94
C ILE D 47 -4.26 8.99 -21.37
N TYR D 48 -2.96 8.91 -21.05
CA TYR D 48 -2.13 7.77 -21.41
C TYR D 48 -1.30 7.34 -20.21
N TYR D 49 -0.98 6.04 -20.16
CA TYR D 49 0.01 5.53 -19.21
C TYR D 49 0.98 4.61 -19.94
N SER D 50 2.14 4.42 -19.32
CA SER D 50 3.28 3.76 -19.97
C SER D 50 4.10 3.05 -18.89
N GLN D 51 4.08 1.71 -18.89
CA GLN D 51 4.75 0.97 -17.82
C GLN D 51 6.27 0.94 -17.97
N ILE D 52 6.79 0.99 -19.20
CA ILE D 52 8.24 1.03 -19.44
C ILE D 52 8.45 1.46 -20.89
N VAL D 53 9.68 1.90 -21.22
CA VAL D 53 10.00 2.48 -22.51
C VAL D 53 9.58 1.54 -23.64
N ASN D 54 9.21 2.10 -24.79
CA ASN D 54 8.67 1.39 -25.95
C ASN D 54 7.35 0.68 -25.63
N ASP D 55 6.60 1.17 -24.64
CA ASP D 55 5.38 0.47 -24.19
C ASP D 55 4.40 1.50 -23.62
N PHE D 56 3.21 1.62 -24.25
CA PHE D 56 2.14 2.46 -23.75
C PHE D 56 0.83 1.70 -23.70
N GLN D 57 -0.13 2.33 -23.04
CA GLN D 57 -1.50 1.81 -22.97
C GLN D 57 -2.45 3.00 -22.93
N LYS D 58 -3.54 2.90 -23.66
CA LYS D 58 -4.50 3.99 -23.78
C LYS D 58 -5.38 4.07 -22.54
N GLY D 59 -5.66 5.29 -22.11
CA GLY D 59 -6.59 5.55 -21.02
C GLY D 59 -8.01 5.69 -21.52
N ASP D 60 -8.80 6.46 -20.77
CA ASP D 60 -10.20 6.67 -21.14
C ASP D 60 -10.46 7.97 -21.87
N ILE D 61 -9.54 8.94 -21.79
CA ILE D 61 -9.65 10.16 -22.59
C ILE D 61 -8.43 10.23 -23.50
N ALA D 62 -7.98 9.07 -23.98
CA ALA D 62 -6.86 9.02 -24.91
C ALA D 62 -7.26 9.50 -26.30
N GLU D 63 -8.55 9.48 -26.60
CA GLU D 63 -9.08 10.02 -27.85
C GLU D 63 -8.54 11.43 -28.09
N GLY D 64 -7.93 11.63 -29.25
CA GLY D 64 -7.46 12.96 -29.59
C GLY D 64 -6.20 13.40 -28.87
N TYR D 65 -5.37 12.45 -28.44
CA TYR D 65 -4.03 12.74 -27.92
C TYR D 65 -3.08 11.70 -28.48
N SER D 66 -1.77 11.93 -28.31
CA SER D 66 -0.82 10.86 -28.61
C SER D 66 0.52 11.13 -27.94
N VAL D 67 1.08 10.08 -27.34
CA VAL D 67 2.26 10.14 -26.51
C VAL D 67 3.28 9.14 -27.03
N SER D 68 4.50 9.24 -26.50
CA SER D 68 5.58 8.34 -26.90
C SER D 68 6.60 8.25 -25.78
N ARG D 69 7.27 7.09 -25.68
CA ARG D 69 8.33 6.86 -24.68
C ARG D 69 9.51 6.25 -25.40
N GLU D 70 10.28 7.11 -26.06
CA GLU D 70 11.62 6.70 -26.51
C GLU D 70 12.50 6.38 -25.31
N LYS D 71 12.49 7.25 -24.30
CA LYS D 71 13.34 7.12 -23.14
C LYS D 71 12.50 7.06 -21.86
N LYS D 72 13.16 6.62 -20.78
CA LYS D 72 12.53 6.58 -19.47
C LYS D 72 12.51 7.94 -18.79
N GLU D 73 13.34 8.88 -19.25
CA GLU D 73 13.40 10.21 -18.67
C GLU D 73 12.46 11.20 -19.33
N SER D 74 11.72 10.79 -20.36
CA SER D 74 10.84 11.71 -21.09
C SER D 74 9.57 11.00 -21.51
N PHE D 75 8.47 11.74 -21.49
CA PHE D 75 7.16 11.22 -21.93
C PHE D 75 6.36 12.40 -22.48
N PRO D 76 6.58 12.75 -23.75
CA PRO D 76 5.93 13.95 -24.30
C PRO D 76 4.45 13.74 -24.55
N LEU D 77 3.74 14.87 -24.64
CA LEU D 77 2.30 14.89 -24.92
C LEU D 77 2.04 15.88 -26.04
N THR D 78 1.47 15.41 -27.14
CA THR D 78 1.05 16.25 -28.24
C THR D 78 -0.47 16.34 -28.25
N VAL D 79 -1.01 17.52 -28.54
CA VAL D 79 -2.45 17.77 -28.47
C VAL D 79 -3.07 18.06 -29.83
N THR D 80 -2.27 18.07 -30.91
CA THR D 80 -2.69 18.55 -32.24
C THR D 80 -3.82 17.68 -32.81
N SER D 81 -3.85 16.40 -32.47
CA SER D 81 -5.05 15.59 -32.68
C SER D 81 -6.25 16.36 -32.20
N ALA D 82 -7.13 16.72 -33.14
CA ALA D 82 -8.28 17.56 -32.84
C ALA D 82 -9.05 17.01 -31.65
N GLN D 83 -9.02 17.73 -30.53
CA GLN D 83 -9.68 17.33 -29.31
C GLN D 83 -10.90 18.22 -29.08
N LYS D 84 -11.78 17.76 -28.18
CA LYS D 84 -13.01 18.48 -27.88
C LYS D 84 -12.73 19.85 -27.25
N ASN D 85 -12.10 19.86 -26.09
CA ASN D 85 -11.73 21.11 -25.41
C ASN D 85 -10.24 21.06 -25.11
N PRO D 86 -9.39 21.49 -26.04
CA PRO D 86 -7.94 21.39 -25.83
C PRO D 86 -7.39 22.31 -24.74
N THR D 87 -8.24 23.08 -24.06
CA THR D 87 -7.81 24.02 -23.04
C THR D 87 -8.11 23.42 -21.66
N ALA D 88 -7.07 23.20 -20.87
CA ALA D 88 -7.25 22.56 -19.56
C ALA D 88 -5.95 22.62 -18.77
N PHE D 89 -5.94 21.92 -17.65
CA PHE D 89 -4.79 21.79 -16.76
C PHE D 89 -4.24 20.38 -16.92
N TYR D 90 -3.00 20.28 -17.37
CA TYR D 90 -2.37 19.00 -17.67
C TYR D 90 -1.33 18.67 -16.60
N LEU D 91 -1.38 17.43 -16.09
CA LEU D 91 -0.48 17.00 -15.02
C LEU D 91 0.11 15.63 -15.32
N CYS D 92 1.40 15.50 -15.05
CA CYS D 92 2.20 14.32 -15.40
C CYS D 92 2.69 13.65 -14.13
N ALA D 93 2.66 12.31 -14.11
CA ALA D 93 2.90 11.56 -12.90
C ALA D 93 3.93 10.45 -13.13
N THR D 94 4.29 9.76 -12.05
CA THR D 94 5.30 8.72 -12.06
C THR D 94 5.09 7.79 -10.88
N SER D 95 5.53 6.54 -11.03
CA SER D 95 5.25 5.48 -10.06
C SER D 95 6.51 4.67 -9.74
N VAL D 96 6.57 4.17 -8.52
CA VAL D 96 7.68 3.32 -8.07
C VAL D 96 7.13 1.92 -7.79
N GLY D 97 8.00 1.01 -7.36
CA GLY D 97 7.56 -0.32 -7.02
C GLY D 97 6.67 -0.32 -5.80
N ARG D 98 6.29 -1.52 -5.37
CA ARG D 98 5.49 -1.71 -4.16
C ARG D 98 6.07 -0.85 -3.03
N PRO D 99 5.21 -0.12 -2.30
CA PRO D 99 3.74 -0.07 -2.34
C PRO D 99 3.11 0.83 -3.42
N TYR D 100 3.85 1.10 -4.50
CA TYR D 100 3.30 1.74 -5.69
C TYR D 100 2.79 3.17 -5.45
N GLU D 101 3.65 4.06 -4.98
CA GLU D 101 3.27 5.44 -4.73
C GLU D 101 3.45 6.29 -5.99
N GLN D 102 2.68 7.38 -6.06
CA GLN D 102 2.61 8.22 -7.25
C GLN D 102 3.12 9.63 -6.92
N TYR D 103 3.82 10.25 -7.88
CA TYR D 103 4.36 11.59 -7.74
C TYR D 103 4.01 12.45 -8.96
N PHE D 104 3.79 13.73 -8.73
CA PHE D 104 3.27 14.63 -9.75
C PHE D 104 4.20 15.84 -9.96
N GLY D 105 4.17 16.38 -11.17
CA GLY D 105 4.86 17.60 -11.47
C GLY D 105 4.04 18.82 -11.14
N PRO D 106 4.62 20.01 -11.29
CA PRO D 106 3.90 21.25 -10.97
C PRO D 106 2.76 21.56 -11.93
N GLY D 107 2.66 20.85 -13.05
CA GLY D 107 1.54 21.04 -13.95
C GLY D 107 1.71 22.19 -14.90
N THR D 108 1.09 22.08 -16.08
CA THR D 108 1.10 23.15 -17.07
C THR D 108 -0.34 23.44 -17.49
N ARG D 109 -0.63 24.72 -17.65
CA ARG D 109 -1.93 25.19 -18.10
C ARG D 109 -1.83 25.69 -19.53
N LEU D 110 -2.72 25.22 -20.39
CA LEU D 110 -2.77 25.67 -21.78
C LEU D 110 -4.20 26.06 -22.13
N THR D 111 -4.40 27.33 -22.43
CA THR D 111 -5.64 27.84 -23.00
C THR D 111 -5.40 28.07 -24.48
N VAL D 112 -6.29 27.57 -25.33
CA VAL D 112 -6.19 27.86 -26.75
C VAL D 112 -7.46 28.58 -27.19
N THR D 113 -7.29 29.77 -27.76
CA THR D 113 -8.42 30.61 -28.16
C THR D 113 -9.24 29.90 -29.23
N GLU D 114 -10.53 29.69 -28.95
CA GLU D 114 -11.42 29.01 -29.88
C GLU D 114 -11.78 29.93 -31.05
N ASP D 115 -10.87 30.83 -31.41
CA ASP D 115 -11.05 31.76 -32.51
C ASP D 115 -9.76 32.51 -32.79
N LEU D 116 -9.84 33.85 -32.89
CA LEU D 116 -8.72 34.66 -33.32
C LEU D 116 -7.89 35.09 -32.11
N LYS D 117 -7.04 36.09 -32.28
CA LYS D 117 -6.28 36.68 -31.18
C LYS D 117 -7.16 37.69 -30.44
N ASN D 118 -8.13 37.14 -29.69
CA ASN D 118 -8.95 37.93 -28.75
C ASN D 118 -8.22 38.19 -27.43
N VAL D 119 -6.94 38.53 -27.49
CA VAL D 119 -6.08 38.65 -26.32
C VAL D 119 -6.07 40.10 -25.86
N PHE D 120 -6.48 40.33 -24.63
CA PHE D 120 -6.53 41.65 -24.03
C PHE D 120 -5.75 41.63 -22.72
N PRO D 121 -4.96 42.66 -22.45
CA PRO D 121 -4.26 42.73 -21.16
C PRO D 121 -5.22 43.16 -20.08
N PRO D 122 -4.85 42.98 -18.81
CA PRO D 122 -5.71 43.45 -17.73
C PRO D 122 -5.65 44.97 -17.59
N GLU D 123 -6.74 45.55 -17.07
CA GLU D 123 -6.75 46.92 -16.60
C GLU D 123 -6.81 46.91 -15.09
N VAL D 124 -5.79 47.46 -14.43
CA VAL D 124 -5.69 47.42 -12.97
C VAL D 124 -6.10 48.77 -12.39
N ALA D 125 -6.97 48.73 -11.40
CA ALA D 125 -7.35 49.90 -10.62
C ALA D 125 -7.30 49.57 -9.14
N VAL D 126 -6.96 50.55 -8.32
CA VAL D 126 -6.91 50.39 -6.87
C VAL D 126 -7.92 51.34 -6.23
N PHE D 127 -8.67 50.84 -5.24
CA PHE D 127 -9.78 51.58 -4.66
C PHE D 127 -9.51 51.85 -3.19
N GLU D 128 -9.55 53.12 -2.79
CA GLU D 128 -9.02 53.53 -1.51
C GLU D 128 -9.97 53.19 -0.37
N PRO D 129 -9.46 53.04 0.86
CA PRO D 129 -10.31 52.56 1.96
C PRO D 129 -11.46 53.51 2.26
N SER D 130 -12.52 52.95 2.84
CA SER D 130 -13.69 53.73 3.22
C SER D 130 -13.45 54.45 4.55
N GLU D 131 -13.84 55.72 4.60
CA GLU D 131 -13.73 56.45 5.86
C GLU D 131 -14.67 55.92 6.93
N ALA D 132 -15.75 55.23 6.54
CA ALA D 132 -16.65 54.64 7.52
C ALA D 132 -16.00 53.43 8.21
N GLU D 133 -15.25 52.61 7.45
CA GLU D 133 -14.52 51.49 8.05
C GLU D 133 -13.45 51.99 9.01
N ILE D 134 -12.71 53.04 8.62
CA ILE D 134 -11.64 53.56 9.47
C ILE D 134 -12.19 54.00 10.82
N SER D 135 -13.33 54.68 10.81
CA SER D 135 -13.89 55.20 12.06
C SER D 135 -14.52 54.10 12.89
N HIS D 136 -15.03 53.05 12.25
CA HIS D 136 -15.77 52.01 12.96
C HIS D 136 -14.88 50.85 13.44
N THR D 137 -13.77 50.55 12.76
CA THR D 137 -12.95 49.38 13.09
C THR D 137 -11.48 49.68 13.36
N GLN D 138 -11.01 50.91 13.10
CA GLN D 138 -9.59 51.26 13.22
C GLN D 138 -8.72 50.45 12.27
N LYS D 139 -9.31 49.98 11.17
CA LYS D 139 -8.59 49.28 10.12
C LYS D 139 -9.02 49.86 8.78
N ALA D 140 -8.23 49.61 7.74
CA ALA D 140 -8.51 50.15 6.42
C ALA D 140 -8.20 49.10 5.36
N THR D 141 -9.12 48.91 4.42
CA THR D 141 -9.03 47.86 3.41
C THR D 141 -8.88 48.50 2.05
N LEU D 142 -7.82 48.15 1.33
CA LEU D 142 -7.66 48.56 -0.05
C LEU D 142 -8.08 47.41 -0.96
N VAL D 143 -8.76 47.73 -2.05
CA VAL D 143 -9.24 46.72 -2.98
C VAL D 143 -8.59 46.98 -4.33
N CYS D 144 -8.06 45.92 -4.94
CA CYS D 144 -7.47 45.98 -6.26
C CYS D 144 -8.32 45.18 -7.24
N LEU D 145 -8.56 45.75 -8.41
CA LEU D 145 -9.41 45.12 -9.42
C LEU D 145 -8.67 45.05 -10.75
N ALA D 146 -8.46 43.83 -11.23
CA ALA D 146 -7.98 43.58 -12.59
C ALA D 146 -9.18 43.20 -13.46
N THR D 147 -9.33 43.85 -14.62
CA THR D 147 -10.55 43.69 -15.41
C THR D 147 -10.21 43.53 -16.89
N GLY D 148 -11.08 42.78 -17.57
CA GLY D 148 -11.07 42.62 -19.01
C GLY D 148 -9.80 42.05 -19.63
N PHE D 149 -9.37 40.87 -19.20
CA PHE D 149 -8.18 40.25 -19.79
C PHE D 149 -8.49 38.83 -20.26
N TYR D 150 -7.73 38.38 -21.26
CA TYR D 150 -7.80 37.03 -21.78
C TYR D 150 -6.45 36.64 -22.37
N PRO D 151 -5.98 35.40 -22.09
CA PRO D 151 -6.63 34.44 -21.19
C PRO D 151 -6.31 34.74 -19.72
N ASP D 152 -6.77 33.89 -18.80
CA ASP D 152 -6.60 34.11 -17.36
C ASP D 152 -5.26 33.56 -16.87
N HIS D 153 -4.18 34.13 -17.39
CA HIS D 153 -2.82 33.78 -17.02
C HIS D 153 -2.18 35.00 -16.34
N VAL D 154 -2.58 35.23 -15.09
CA VAL D 154 -2.18 36.44 -14.37
C VAL D 154 -1.57 36.05 -13.03
N GLU D 155 -0.80 36.98 -12.46
CA GLU D 155 -0.15 36.77 -11.17
C GLU D 155 -0.10 38.11 -10.43
N LEU D 156 -0.95 38.26 -9.40
CA LEU D 156 -1.09 39.51 -8.66
C LEU D 156 -0.25 39.50 -7.38
N SER D 157 0.24 40.68 -7.00
CA SER D 157 1.04 40.81 -5.79
C SER D 157 0.98 42.26 -5.33
N TRP D 158 1.06 42.46 -4.02
CA TRP D 158 1.01 43.77 -3.40
C TRP D 158 2.41 44.22 -2.97
N TRP D 159 2.69 45.51 -3.12
CA TRP D 159 3.99 46.06 -2.79
C TRP D 159 3.81 47.30 -1.94
N VAL D 160 4.43 47.33 -0.75
CA VAL D 160 4.34 48.45 0.16
C VAL D 160 5.73 49.06 0.32
N ASN D 161 5.87 50.32 -0.11
CA ASN D 161 7.15 51.02 -0.04
C ASN D 161 8.28 50.22 -0.69
N GLY D 162 7.98 49.62 -1.84
CA GLY D 162 8.94 48.90 -2.63
C GLY D 162 9.03 47.42 -2.37
N LYS D 163 8.59 46.94 -1.22
CA LYS D 163 8.78 45.55 -0.82
C LYS D 163 7.45 44.78 -0.87
N GLU D 164 7.51 43.55 -1.39
CA GLU D 164 6.33 42.71 -1.48
C GLU D 164 5.85 42.29 -0.09
N VAL D 165 4.52 42.20 0.07
CA VAL D 165 3.89 41.88 1.34
C VAL D 165 2.91 40.73 1.13
N HIS D 166 2.67 39.99 2.21
CA HIS D 166 1.78 38.84 2.21
C HIS D 166 0.83 38.79 3.39
N SER D 167 1.19 39.40 4.51
CA SER D 167 0.28 39.51 5.65
C SER D 167 -0.83 40.52 5.36
N GLY D 168 -2.05 40.15 5.71
CA GLY D 168 -3.20 41.02 5.50
C GLY D 168 -3.72 41.03 4.08
N VAL D 169 -3.34 40.05 3.26
CA VAL D 169 -3.68 39.99 1.84
C VAL D 169 -4.57 38.78 1.58
N CYS D 170 -5.52 38.94 0.66
CA CYS D 170 -6.37 37.85 0.22
C CYS D 170 -6.73 38.09 -1.24
N THR D 171 -6.48 37.10 -2.09
CA THR D 171 -6.77 37.20 -3.52
C THR D 171 -7.68 36.06 -3.94
N ASP D 172 -8.62 36.34 -4.85
CA ASP D 172 -9.62 35.36 -5.22
C ASP D 172 -8.95 34.09 -5.73
N PRO D 173 -9.41 32.91 -5.30
CA PRO D 173 -8.79 31.67 -5.81
C PRO D 173 -8.98 31.48 -7.31
N GLN D 174 -10.14 31.83 -7.86
CA GLN D 174 -10.35 31.65 -9.28
C GLN D 174 -10.82 32.97 -9.92
N PRO D 175 -10.33 33.27 -11.13
CA PRO D 175 -10.85 34.43 -11.87
C PRO D 175 -12.34 34.31 -12.13
N LEU D 176 -12.93 35.44 -12.52
CA LEU D 176 -14.36 35.57 -12.73
C LEU D 176 -14.61 35.88 -14.21
N LYS D 177 -15.55 35.15 -14.81
CA LYS D 177 -15.87 35.35 -16.23
C LYS D 177 -16.87 36.49 -16.39
N GLU D 178 -16.56 37.43 -17.28
CA GLU D 178 -17.38 38.64 -17.41
C GLU D 178 -18.65 38.39 -18.21
N GLN D 179 -18.57 37.59 -19.28
CA GLN D 179 -19.75 37.16 -20.04
C GLN D 179 -19.69 35.64 -20.18
N PRO D 180 -20.31 34.91 -19.25
CA PRO D 180 -20.15 33.44 -19.23
C PRO D 180 -20.60 32.74 -20.51
N ALA D 181 -21.39 33.41 -21.37
CA ALA D 181 -21.89 32.76 -22.57
C ALA D 181 -20.77 32.48 -23.58
N LEU D 182 -19.92 33.47 -23.82
CA LEU D 182 -18.86 33.31 -24.82
C LEU D 182 -17.77 32.37 -24.32
N ASN D 183 -17.28 31.51 -25.21
CA ASN D 183 -16.27 30.52 -24.84
C ASN D 183 -14.98 31.20 -24.39
N ASP D 184 -14.57 32.24 -25.10
CA ASP D 184 -13.35 32.97 -24.75
C ASP D 184 -13.69 34.32 -24.16
N SER D 185 -14.65 34.34 -23.23
CA SER D 185 -14.95 35.55 -22.49
C SER D 185 -13.73 36.04 -21.73
N ARG D 186 -13.70 37.34 -21.46
CA ARG D 186 -12.63 37.95 -20.71
C ARG D 186 -12.92 37.89 -19.23
N TYR D 187 -11.86 37.95 -18.41
CA TYR D 187 -11.94 37.65 -16.99
C TYR D 187 -11.74 38.91 -16.15
N ALA D 188 -11.92 38.74 -14.84
CA ALA D 188 -11.66 39.80 -13.88
C ALA D 188 -11.31 39.16 -12.53
N LEU D 189 -10.48 39.86 -11.76
CA LEU D 189 -9.93 39.32 -10.52
C LEU D 189 -9.78 40.42 -9.50
N SER D 190 -10.11 40.11 -8.23
CA SER D 190 -10.04 41.09 -7.15
C SER D 190 -9.11 40.63 -6.04
N SER D 191 -8.65 41.59 -5.22
CA SER D 191 -7.74 41.29 -4.11
C SER D 191 -7.90 42.33 -3.00
N ARG D 192 -7.61 41.90 -1.76
CA ARG D 192 -7.65 42.73 -0.56
C ARG D 192 -6.26 42.96 0.01
N LEU D 193 -6.14 44.06 0.74
CA LEU D 193 -4.99 44.30 1.59
C LEU D 193 -5.48 45.19 2.72
N ARG D 194 -5.44 44.67 3.95
CA ARG D 194 -5.95 45.38 5.12
C ARG D 194 -4.79 45.78 6.01
N VAL D 195 -4.78 47.05 6.43
CA VAL D 195 -3.79 47.57 7.35
C VAL D 195 -4.52 48.31 8.46
N SER D 196 -3.75 48.77 9.44
CA SER D 196 -4.33 49.54 10.53
C SER D 196 -4.69 50.94 10.07
N ALA D 197 -5.64 51.56 10.76
CA ALA D 197 -6.03 52.93 10.44
C ALA D 197 -4.84 53.87 10.59
N THR D 198 -3.99 53.63 11.59
CA THR D 198 -2.83 54.50 11.80
C THR D 198 -1.83 54.38 10.66
N PHE D 199 -1.66 53.18 10.11
CA PHE D 199 -0.69 53.01 9.04
C PHE D 199 -1.15 53.65 7.74
N TRP D 200 -2.45 53.69 7.48
CA TRP D 200 -2.93 54.32 6.26
C TRP D 200 -3.00 55.83 6.37
N GLN D 201 -3.17 56.36 7.59
CA GLN D 201 -3.24 57.80 7.81
C GLN D 201 -1.87 58.48 7.71
N ASN D 202 -0.81 57.74 7.38
CA ASN D 202 0.52 58.31 7.21
C ASN D 202 0.78 58.54 5.73
N PRO D 203 0.94 59.79 5.28
CA PRO D 203 1.06 60.07 3.84
C PRO D 203 2.39 59.63 3.25
N ARG D 204 3.30 59.11 4.07
CA ARG D 204 4.57 58.62 3.56
C ARG D 204 4.47 57.21 2.98
N ASN D 205 3.42 56.45 3.30
CA ASN D 205 3.30 55.07 2.86
C ASN D 205 2.71 54.99 1.45
N HIS D 206 3.29 54.13 0.62
CA HIS D 206 2.95 54.05 -0.79
C HIS D 206 2.59 52.62 -1.13
N PHE D 207 1.42 52.43 -1.75
CA PHE D 207 0.85 51.12 -2.00
C PHE D 207 0.74 50.88 -3.50
N ARG D 208 1.11 49.68 -3.94
CA ARG D 208 1.10 49.33 -5.36
C ARG D 208 0.52 47.95 -5.54
N CYS D 209 -0.43 47.83 -6.47
CA CYS D 209 -1.00 46.54 -6.86
C CYS D 209 -0.46 46.19 -8.24
N GLN D 210 0.21 45.05 -8.34
CA GLN D 210 0.93 44.66 -9.55
C GLN D 210 0.35 43.36 -10.11
N VAL D 211 0.03 43.36 -11.40
CA VAL D 211 -0.48 42.18 -12.10
C VAL D 211 0.46 41.85 -13.26
N GLN D 212 0.83 40.58 -13.38
CA GLN D 212 1.72 40.09 -14.42
C GLN D 212 0.90 39.27 -15.43
N PHE D 213 0.86 39.74 -16.67
CA PHE D 213 0.06 39.14 -17.72
C PHE D 213 0.94 38.28 -18.63
N TYR D 214 0.39 37.16 -19.10
CA TYR D 214 1.11 36.20 -19.94
C TYR D 214 0.33 36.01 -21.24
N GLY D 215 0.62 36.84 -22.24
CA GLY D 215 -0.10 36.78 -23.50
C GLY D 215 0.73 36.31 -24.69
N LEU D 216 0.39 36.85 -25.86
CA LEU D 216 1.05 36.46 -27.11
C LEU D 216 2.53 36.87 -27.09
N SER D 217 3.29 36.28 -28.01
CA SER D 217 4.73 36.51 -28.11
C SER D 217 5.03 37.51 -29.23
N GLU D 218 6.12 38.26 -29.05
CA GLU D 218 6.46 39.34 -29.96
C GLU D 218 6.62 38.86 -31.40
N ASN D 219 7.04 37.60 -31.57
CA ASN D 219 7.20 37.04 -32.91
C ASN D 219 5.89 36.85 -33.64
N ASP D 220 4.74 36.94 -32.96
CA ASP D 220 3.45 36.78 -33.61
C ASP D 220 3.05 38.03 -34.38
N GLU D 221 2.53 37.83 -35.58
CA GLU D 221 2.17 38.95 -36.46
C GLU D 221 0.91 39.63 -35.96
N TRP D 222 0.98 40.96 -35.81
CA TRP D 222 -0.10 41.75 -35.24
C TRP D 222 -0.33 42.99 -36.08
N THR D 223 -1.62 43.29 -36.41
CA THR D 223 -2.01 44.33 -37.37
C THR D 223 -3.15 45.18 -36.80
N GLN D 224 -2.87 46.01 -35.80
CA GLN D 224 -3.90 46.85 -35.21
C GLN D 224 -3.29 48.15 -34.72
N ASP D 225 -4.14 49.14 -34.50
CA ASP D 225 -3.72 50.43 -33.93
C ASP D 225 -3.77 50.44 -32.41
N ARG D 226 -4.20 49.34 -31.79
CA ARG D 226 -3.90 49.14 -30.38
C ARG D 226 -2.45 48.73 -30.23
N ALA D 227 -1.97 48.72 -28.99
CA ALA D 227 -0.64 48.21 -28.73
C ALA D 227 -0.67 46.69 -28.65
N LYS D 228 0.41 46.06 -29.08
CA LYS D 228 0.50 44.60 -29.07
C LYS D 228 0.26 44.09 -27.66
N PRO D 229 -0.72 43.21 -27.44
CA PRO D 229 -1.07 42.80 -26.06
C PRO D 229 -0.05 41.87 -25.42
N VAL D 230 1.24 42.23 -25.50
CA VAL D 230 2.35 41.37 -25.11
C VAL D 230 2.30 41.03 -23.62
N THR D 231 3.13 40.07 -23.20
CA THR D 231 3.31 39.78 -21.78
C THR D 231 3.95 40.99 -21.11
N GLN D 232 3.25 41.57 -20.13
CA GLN D 232 3.66 42.80 -19.48
C GLN D 232 3.19 42.77 -18.05
N ILE D 233 3.49 43.83 -17.29
CA ILE D 233 2.91 44.03 -15.97
C ILE D 233 2.15 45.35 -15.96
N VAL D 234 0.83 45.28 -15.76
CA VAL D 234 0.02 46.46 -15.52
C VAL D 234 -0.07 46.67 -14.00
N SER D 235 0.23 47.89 -13.56
CA SER D 235 0.19 48.24 -12.14
C SER D 235 -0.85 49.32 -11.88
N ALA D 236 -1.08 49.55 -10.59
CA ALA D 236 -1.92 50.65 -10.11
C ALA D 236 -1.50 50.90 -8.67
N GLU D 237 -1.59 52.16 -8.25
CA GLU D 237 -0.96 52.54 -7.00
C GLU D 237 -1.79 53.61 -6.29
N ALA D 238 -1.51 53.80 -5.01
CA ALA D 238 -2.20 54.79 -4.18
C ALA D 238 -1.29 55.21 -3.04
N TRP D 239 -1.64 56.34 -2.42
CA TRP D 239 -0.85 56.94 -1.35
C TRP D 239 -1.69 57.12 -0.10
N GLY D 240 -1.03 57.08 1.05
CA GLY D 240 -1.72 57.32 2.31
C GLY D 240 -2.19 58.76 2.42
N ARG D 241 -2.99 59.02 3.45
CA ARG D 241 -3.59 60.33 3.66
C ARG D 241 -4.28 60.36 5.02
N ALA D 242 -4.28 61.52 5.67
CA ALA D 242 -4.97 61.71 6.94
C ALA D 242 -6.38 62.28 6.75
N ASP D 243 -7.13 61.74 5.78
CA ASP D 243 -8.46 62.24 5.40
C ASP D 243 -8.41 63.70 4.95
#